data_7RSS
#
_entry.id   7RSS
#
_cell.length_a   66.259
_cell.length_b   112.000
_cell.length_c   149.197
_cell.angle_alpha   90.000
_cell.angle_beta   90.000
_cell.angle_gamma   90.000
#
_symmetry.space_group_name_H-M   'P 2 21 21'
#
loop_
_entity.id
_entity.type
_entity.pdbx_description
1 polymer 'DNA polymerase'
2 polymer Template
3 polymer Primer
4 water water
#
loop_
_entity_poly.entity_id
_entity_poly.type
_entity_poly.pdbx_seq_one_letter_code
_entity_poly.pdbx_strand_id
1 'polypeptide(L)'
;MILDTDYITEDGKPVIRIFKKENGEFKIEYDRTFEPYFYALLKDDSAIEEVKKITAERHGTVVTVKRVEKVQKKFLGRPV
EVWKLYFTHPQDVPAIRDKIREHPAVIDIYEYDIPFAKRYLIDKGLVPMEGDEELKMLAFAIATLYHEGEEFAEGPILMI
SYADEEGARVITWKNVDLPYVDVVSTEREMIKRFLRVVKEKDPDVLITYNGDNFDFAYLKKRCEKLGINFALGRDGSEPK
IQRMGDRFAVEVKGRIHFDLYPVIRRTINLPTYTLEAVYEAVFGQPKEKVYAEEITTAWETGENLERVARYSMEDAKVTY
ELGKEFLPMEAQLSRLIGQSLWDVSRSSTGNLVEWFLLRKAYERNELAPNKPDEKELARRRQSYEGGYVKEPERGLWENI
VYLDFRSLYPSIIITHNVSPDTLNREGCKEYDVAPQVGHRFCKDFPGFIPSLLGDLLEERQKIKKKMKATIDPIERKLLD
YRQRRIKILANSYYGYYGYARARWYCKECAESVTAWGREYITMTIKEIEEKYGFKVIYSDTDGFFATIPGADAETVKKKA
MEFLKYINAKLPGALELEYEGFYKRGFFVTKKKYAVIDEEGKITTRGLEIVRRDWSEIAKETQARVLEALLKDGDVEKAV
RIVKEVTEKLSKYEVPPEKLVIHIQITRDLKDYKATGPHVAVAKRLAARGVKIRPGTVISYIVLKGSGRIGDRAIPFDEF
DPTKHKYDAEYYIENQVLPAVERILRAFGYRKEDLRYQKTRQVGLSAWLKPKGT
;
A
2 'polydeoxyribonucleotide' (DA)(DA)(DA)(DT)(DT)(DC)(DG)(DC)(DA)(DG)(DT)(DT)(DC)(DG)(DC)(DG) T
3 'polydeoxyribonucleotide' (DC)(DG)(DC)(DG)(DA)(DA)(DC)(DT)(DG)(DC)(DG)(DA)(DA) P
#
loop_
_chem_comp.id
_chem_comp.type
_chem_comp.name
_chem_comp.formula
DA DNA linking 2'-DEOXYADENOSINE-5'-MONOPHOSPHATE 'C10 H14 N5 O6 P'
DC DNA linking 2'-DEOXYCYTIDINE-5'-MONOPHOSPHATE 'C9 H14 N3 O7 P'
DG DNA linking 2'-DEOXYGUANOSINE-5'-MONOPHOSPHATE 'C10 H14 N5 O7 P'
DT DNA linking THYMIDINE-5'-MONOPHOSPHATE 'C10 H15 N2 O8 P'
#
# COMPACT_ATOMS: atom_id res chain seq x y z
N MET A 1 -9.79 -3.78 -24.86
CA MET A 1 -9.24 -3.73 -23.50
C MET A 1 -9.93 -4.73 -22.59
N ILE A 2 -9.14 -5.60 -21.92
CA ILE A 2 -9.71 -6.54 -20.97
C ILE A 2 -9.87 -5.85 -19.62
N LEU A 3 -11.01 -6.09 -18.97
CA LEU A 3 -11.32 -5.50 -17.68
C LEU A 3 -11.14 -6.49 -16.54
N ASP A 4 -11.64 -7.71 -16.70
CA ASP A 4 -11.59 -8.73 -15.66
C ASP A 4 -11.94 -10.05 -16.33
N THR A 5 -11.70 -11.14 -15.59
CA THR A 5 -12.21 -12.44 -15.97
C THR A 5 -12.86 -13.11 -14.77
N ASP A 6 -13.76 -14.04 -15.06
CA ASP A 6 -14.44 -14.85 -14.06
C ASP A 6 -14.82 -16.17 -14.76
N TYR A 7 -15.59 -17.00 -14.07
CA TYR A 7 -16.18 -18.11 -14.78
C TYR A 7 -17.57 -18.43 -14.21
N ILE A 8 -18.47 -18.85 -15.09
CA ILE A 8 -19.75 -19.42 -14.71
C ILE A 8 -19.71 -20.91 -15.01
N THR A 9 -20.73 -21.61 -14.59
CA THR A 9 -20.82 -23.05 -14.80
C THR A 9 -22.04 -23.39 -15.65
N GLU A 10 -21.81 -24.10 -16.76
CA GLU A 10 -22.87 -24.54 -17.64
C GLU A 10 -22.81 -26.06 -17.73
N ASP A 11 -23.88 -26.71 -17.27
CA ASP A 11 -24.04 -28.17 -17.37
C ASP A 11 -22.81 -28.90 -16.83
N GLY A 12 -22.34 -28.44 -15.67
CA GLY A 12 -21.24 -29.07 -14.99
C GLY A 12 -19.86 -28.62 -15.40
N LYS A 13 -19.73 -27.92 -16.58
CA LYS A 13 -18.45 -27.50 -17.12
C LYS A 13 -18.21 -26.01 -16.89
N PRO A 14 -16.95 -25.60 -16.74
CA PRO A 14 -16.65 -24.17 -16.54
C PRO A 14 -16.55 -23.44 -17.86
N VAL A 15 -17.05 -22.21 -17.85
CA VAL A 15 -17.05 -21.32 -19.01
C VAL A 15 -16.41 -20.03 -18.53
N ILE A 16 -15.20 -19.75 -19.04
CA ILE A 16 -14.54 -18.48 -18.76
C ILE A 16 -15.31 -17.37 -19.43
N ARG A 17 -15.44 -16.25 -18.73
CA ARG A 17 -16.00 -15.03 -19.30
C ARG A 17 -14.94 -13.95 -19.28
N ILE A 18 -14.64 -13.37 -20.44
CA ILE A 18 -13.69 -12.25 -20.56
C ILE A 18 -14.49 -10.98 -20.77
N PHE A 19 -14.46 -10.07 -19.79
CA PHE A 19 -15.12 -8.77 -19.88
C PHE A 19 -14.20 -7.78 -20.58
N LYS A 20 -14.63 -7.25 -21.71
CA LYS A 20 -13.81 -6.31 -22.46
C LYS A 20 -14.56 -5.01 -22.67
N LYS A 21 -13.80 -3.98 -23.00
CA LYS A 21 -14.35 -2.72 -23.51
C LYS A 21 -13.57 -2.46 -24.79
N GLU A 22 -14.22 -2.69 -25.94
CA GLU A 22 -13.59 -2.53 -27.24
C GLU A 22 -14.33 -1.44 -28.00
N ASN A 23 -13.62 -0.37 -28.38
CA ASN A 23 -14.14 0.70 -29.22
C ASN A 23 -15.44 1.30 -28.65
N GLY A 24 -15.43 1.55 -27.35
CA GLY A 24 -16.56 2.15 -26.65
C GLY A 24 -17.67 1.20 -26.27
N GLU A 25 -17.58 -0.07 -26.65
CA GLU A 25 -18.64 -1.04 -26.50
C GLU A 25 -18.22 -2.08 -25.46
N PHE A 26 -19.11 -2.39 -24.52
CA PHE A 26 -18.87 -3.46 -23.57
C PHE A 26 -19.18 -4.81 -24.23
N LYS A 27 -18.34 -5.80 -23.96
CA LYS A 27 -18.42 -7.12 -24.59
C LYS A 27 -18.07 -8.20 -23.57
N ILE A 28 -18.59 -9.40 -23.80
CA ILE A 28 -18.25 -10.58 -23.04
C ILE A 28 -17.85 -11.68 -24.02
N GLU A 29 -16.57 -12.05 -24.03
CA GLU A 29 -16.10 -13.25 -24.70
C GLU A 29 -16.24 -14.45 -23.77
N TYR A 30 -16.74 -15.56 -24.29
CA TYR A 30 -16.82 -16.83 -23.56
C TYR A 30 -15.78 -17.81 -24.09
N ASP A 31 -15.17 -18.56 -23.18
CA ASP A 31 -14.21 -19.59 -23.59
C ASP A 31 -14.57 -20.88 -22.85
N ARG A 32 -14.93 -21.93 -23.61
CA ARG A 32 -15.40 -23.17 -23.01
C ARG A 32 -14.36 -24.26 -23.03
N THR A 33 -13.09 -23.94 -23.35
CA THR A 33 -12.09 -24.96 -23.61
C THR A 33 -11.04 -25.10 -22.51
N PHE A 34 -10.94 -24.15 -21.59
CA PHE A 34 -9.87 -24.16 -20.61
C PHE A 34 -10.13 -25.15 -19.48
N GLU A 35 -9.15 -26.01 -19.21
CA GLU A 35 -9.27 -27.04 -18.18
C GLU A 35 -8.44 -26.69 -16.95
N PRO A 36 -9.02 -26.78 -15.75
CA PRO A 36 -8.23 -26.58 -14.53
C PRO A 36 -7.22 -27.72 -14.36
N TYR A 37 -6.07 -27.39 -13.80
CA TYR A 37 -5.04 -28.42 -13.59
C TYR A 37 -4.15 -28.02 -12.43
N PHE A 38 -3.56 -29.02 -11.76
CA PHE A 38 -2.30 -28.79 -11.04
C PHE A 38 -1.30 -29.90 -11.39
N TYR A 39 -0.11 -29.82 -10.78
CA TYR A 39 0.97 -30.75 -11.08
C TYR A 39 1.27 -31.60 -9.84
N ALA A 40 1.66 -32.85 -10.10
CA ALA A 40 2.15 -33.73 -9.04
C ALA A 40 3.48 -34.35 -9.45
N LEU A 41 4.34 -34.54 -8.46
CA LEU A 41 5.64 -35.18 -8.62
C LEU A 41 5.58 -36.53 -7.91
N LEU A 42 5.91 -37.60 -8.63
CA LEU A 42 5.78 -38.96 -8.10
C LEU A 42 7.14 -39.62 -7.87
N LYS A 43 7.16 -40.51 -6.86
CA LYS A 43 8.31 -41.39 -6.63
C LYS A 43 8.58 -42.29 -7.83
N ASP A 44 7.55 -42.66 -8.58
CA ASP A 44 7.70 -43.53 -9.73
C ASP A 44 6.47 -43.38 -10.64
N ASP A 45 6.70 -43.53 -11.95
CA ASP A 45 5.67 -43.24 -12.94
C ASP A 45 4.49 -44.20 -12.87
N SER A 46 4.74 -45.45 -12.52
CA SER A 46 3.67 -46.43 -12.40
C SER A 46 2.65 -46.02 -11.36
N ALA A 47 3.03 -45.20 -10.39
CA ALA A 47 2.04 -44.74 -9.43
C ALA A 47 0.95 -43.88 -10.05
N ILE A 48 1.08 -43.48 -11.33
CA ILE A 48 0.08 -42.62 -11.97
C ILE A 48 -1.23 -43.37 -12.13
N GLU A 49 -1.18 -44.69 -12.29
CA GLU A 49 -2.39 -45.47 -12.34
C GLU A 49 -3.07 -45.53 -10.98
N GLU A 50 -2.27 -45.57 -9.91
CA GLU A 50 -2.81 -45.44 -8.56
C GLU A 50 -3.47 -44.07 -8.34
N VAL A 51 -2.78 -43.00 -8.72
CA VAL A 51 -3.25 -41.65 -8.41
C VAL A 51 -4.44 -41.28 -9.29
N LYS A 52 -4.43 -41.73 -10.56
CA LYS A 52 -5.54 -41.47 -11.46
C LYS A 52 -6.86 -41.92 -10.86
N LYS A 53 -6.83 -42.94 -10.02
CA LYS A 53 -8.01 -43.56 -9.44
C LYS A 53 -8.52 -42.85 -8.20
N ILE A 54 -7.83 -41.81 -7.71
CA ILE A 54 -8.23 -41.15 -6.48
C ILE A 54 -9.49 -40.34 -6.73
N THR A 55 -10.42 -40.39 -5.79
CA THR A 55 -11.68 -39.68 -5.93
C THR A 55 -11.91 -38.83 -4.68
N ALA A 56 -12.98 -38.04 -4.73
CA ALA A 56 -13.36 -37.14 -3.65
C ALA A 56 -14.83 -36.82 -3.84
N GLU A 57 -15.39 -36.11 -2.86
CA GLU A 57 -16.79 -35.70 -2.88
C GLU A 57 -16.87 -34.18 -2.79
N ARG A 58 -17.71 -33.58 -3.62
CA ARG A 58 -17.92 -32.13 -3.64
C ARG A 58 -19.40 -31.92 -3.36
N HIS A 59 -19.74 -31.73 -2.09
CA HIS A 59 -21.10 -31.87 -1.54
C HIS A 59 -22.03 -32.66 -2.48
N GLY A 60 -21.94 -33.99 -2.43
CA GLY A 60 -22.76 -34.80 -3.32
C GLY A 60 -22.03 -35.32 -4.54
N THR A 61 -21.67 -34.43 -5.46
CA THR A 61 -21.00 -34.83 -6.70
C THR A 61 -19.64 -35.46 -6.40
N VAL A 62 -19.37 -36.60 -7.04
CA VAL A 62 -18.12 -37.30 -6.84
C VAL A 62 -17.09 -36.79 -7.84
N VAL A 63 -15.95 -36.33 -7.33
CA VAL A 63 -14.88 -35.75 -8.12
C VAL A 63 -13.90 -36.83 -8.51
N THR A 64 -13.63 -36.95 -9.80
CA THR A 64 -12.54 -37.80 -10.29
C THR A 64 -11.48 -36.94 -10.96
N VAL A 65 -10.39 -37.60 -11.35
CA VAL A 65 -9.31 -37.00 -12.12
C VAL A 65 -9.62 -37.21 -13.60
N LYS A 66 -9.80 -36.12 -14.33
CA LYS A 66 -10.25 -36.22 -15.72
C LYS A 66 -9.19 -36.84 -16.63
N ARG A 67 -7.95 -36.38 -16.54
CA ARG A 67 -6.95 -36.77 -17.52
C ARG A 67 -5.58 -36.34 -17.02
N VAL A 68 -4.53 -37.13 -17.35
CA VAL A 68 -3.17 -36.84 -16.90
C VAL A 68 -2.21 -36.85 -18.10
N GLU A 69 -1.08 -36.17 -17.91
CA GLU A 69 -0.10 -35.97 -18.98
C GLU A 69 1.26 -35.69 -18.35
N LYS A 70 2.28 -36.45 -18.76
CA LYS A 70 3.62 -36.14 -18.28
C LYS A 70 4.22 -34.98 -19.05
N VAL A 71 4.84 -34.07 -18.29
CA VAL A 71 5.44 -32.86 -18.83
C VAL A 71 6.84 -32.69 -18.25
N GLN A 72 7.66 -31.94 -18.95
CA GLN A 72 8.98 -31.59 -18.45
C GLN A 72 9.06 -30.08 -18.35
N LYS A 73 9.37 -29.58 -17.15
CA LYS A 73 9.53 -28.16 -16.88
C LYS A 73 10.84 -27.98 -16.14
N LYS A 74 11.14 -26.73 -15.81
CA LYS A 74 12.28 -26.40 -14.97
C LYS A 74 11.76 -26.05 -13.57
N PHE A 75 12.39 -26.61 -12.56
CA PHE A 75 12.20 -26.15 -11.19
C PHE A 75 13.49 -25.51 -10.71
N LEU A 76 13.44 -24.20 -10.47
CA LEU A 76 14.63 -23.41 -10.12
C LEU A 76 15.72 -23.59 -11.15
N GLY A 77 15.33 -23.50 -12.42
CA GLY A 77 16.25 -23.60 -13.54
C GLY A 77 16.79 -24.98 -13.84
N ARG A 78 16.31 -26.02 -13.14
CA ARG A 78 16.74 -27.41 -13.29
C ARG A 78 15.64 -28.24 -13.93
N PRO A 79 15.97 -29.12 -14.88
CA PRO A 79 14.92 -29.87 -15.56
C PRO A 79 14.30 -30.91 -14.64
N VAL A 80 12.97 -30.97 -14.63
CA VAL A 80 12.25 -31.92 -13.80
C VAL A 80 11.05 -32.42 -14.59
N GLU A 81 10.50 -33.56 -14.17
CA GLU A 81 9.34 -34.14 -14.84
C GLU A 81 8.23 -34.39 -13.83
N VAL A 82 7.05 -33.85 -14.13
CA VAL A 82 5.89 -33.95 -13.26
C VAL A 82 4.70 -34.40 -14.09
N TRP A 83 3.64 -34.78 -13.40
CA TRP A 83 2.39 -35.15 -14.04
C TRP A 83 1.41 -34.00 -13.91
N LYS A 84 1.01 -33.43 -15.05
CA LYS A 84 -0.07 -32.46 -15.11
C LYS A 84 -1.40 -33.22 -14.97
N LEU A 85 -2.17 -32.86 -13.95
CA LEU A 85 -3.47 -33.50 -13.69
C LEU A 85 -4.59 -32.52 -14.05
N TYR A 86 -5.42 -32.90 -15.01
CA TYR A 86 -6.56 -32.09 -15.42
C TYR A 86 -7.83 -32.52 -14.68
N PHE A 87 -8.76 -31.59 -14.56
CA PHE A 87 -10.03 -31.84 -13.94
C PHE A 87 -11.14 -31.26 -14.80
N THR A 88 -12.36 -31.71 -14.57
CA THR A 88 -13.45 -31.14 -15.36
C THR A 88 -13.82 -29.75 -14.86
N HIS A 89 -13.77 -29.52 -13.54
CA HIS A 89 -14.28 -28.29 -12.94
C HIS A 89 -13.28 -27.66 -11.97
N PRO A 90 -13.15 -26.33 -11.94
CA PRO A 90 -12.17 -25.72 -11.02
C PRO A 90 -12.40 -26.06 -9.56
N GLN A 91 -13.66 -26.21 -9.12
CA GLN A 91 -13.92 -26.56 -7.74
C GLN A 91 -13.55 -27.99 -7.41
N ASP A 92 -13.07 -28.76 -8.40
CA ASP A 92 -12.56 -30.09 -8.12
C ASP A 92 -11.21 -30.06 -7.43
N VAL A 93 -10.39 -29.04 -7.69
CA VAL A 93 -9.01 -29.09 -7.21
C VAL A 93 -8.95 -28.94 -5.69
N PRO A 94 -9.68 -28.01 -5.03
CA PRO A 94 -9.63 -27.97 -3.57
C PRO A 94 -10.19 -29.22 -2.90
N ALA A 95 -11.17 -29.88 -3.52
CA ALA A 95 -11.76 -31.07 -2.93
C ALA A 95 -10.88 -32.28 -3.05
N ILE A 96 -9.96 -32.30 -4.02
CA ILE A 96 -9.16 -33.49 -4.26
C ILE A 96 -7.67 -33.28 -3.99
N ARG A 97 -7.15 -32.04 -3.97
CA ARG A 97 -5.70 -31.84 -3.97
C ARG A 97 -5.05 -32.45 -2.74
N ASP A 98 -5.66 -32.32 -1.56
CA ASP A 98 -5.08 -32.87 -0.35
C ASP A 98 -5.04 -34.40 -0.40
N LYS A 99 -6.01 -35.03 -1.08
CA LYS A 99 -6.03 -36.48 -1.15
C LYS A 99 -4.95 -37.01 -2.09
N ILE A 100 -4.68 -36.30 -3.18
CA ILE A 100 -3.61 -36.71 -4.08
C ILE A 100 -2.24 -36.49 -3.43
N ARG A 101 -2.09 -35.42 -2.65
CA ARG A 101 -0.84 -35.18 -1.96
C ARG A 101 -0.58 -36.24 -0.87
N GLU A 102 -1.60 -36.54 -0.07
CA GLU A 102 -1.44 -37.48 1.04
C GLU A 102 -1.10 -38.89 0.59
N HIS A 103 -1.15 -39.17 -0.71
CA HIS A 103 -0.75 -40.47 -1.22
C HIS A 103 0.72 -40.76 -0.88
N PRO A 104 1.06 -42.00 -0.50
CA PRO A 104 2.47 -42.32 -0.20
C PRO A 104 3.40 -42.28 -1.41
N ALA A 105 2.87 -42.35 -2.63
CA ALA A 105 3.69 -42.30 -3.83
C ALA A 105 3.76 -40.91 -4.45
N VAL A 106 3.03 -39.94 -3.90
CA VAL A 106 3.07 -38.57 -4.37
C VAL A 106 4.00 -37.80 -3.44
N ILE A 107 5.09 -37.29 -4.02
CA ILE A 107 6.09 -36.54 -3.24
C ILE A 107 5.55 -35.16 -2.87
N ASP A 108 5.06 -34.41 -3.86
CA ASP A 108 4.40 -33.13 -3.59
C ASP A 108 3.58 -32.71 -4.81
N ILE A 109 2.79 -31.65 -4.64
CA ILE A 109 1.99 -31.10 -5.72
C ILE A 109 2.31 -29.62 -5.86
N TYR A 110 2.11 -29.09 -7.07
CA TYR A 110 2.50 -27.72 -7.37
C TYR A 110 1.36 -27.02 -8.10
N GLU A 111 1.36 -25.69 -8.01
CA GLU A 111 0.38 -24.84 -8.70
C GLU A 111 -1.05 -25.35 -8.50
N TYR A 112 -1.34 -25.68 -7.24
CA TYR A 112 -2.60 -26.27 -6.85
C TYR A 112 -3.55 -25.26 -6.24
N ASP A 113 -3.22 -23.98 -6.25
CA ASP A 113 -4.03 -22.98 -5.57
C ASP A 113 -4.08 -21.69 -6.36
N ILE A 114 -4.15 -21.81 -7.67
CA ILE A 114 -4.28 -20.65 -8.55
C ILE A 114 -5.76 -20.50 -8.91
N PRO A 115 -6.37 -19.38 -8.64
CA PRO A 115 -7.78 -19.22 -9.06
C PRO A 115 -7.91 -19.33 -10.56
N PHE A 116 -8.84 -20.19 -10.98
CA PHE A 116 -9.14 -20.46 -12.39
C PHE A 116 -9.09 -19.22 -13.27
N ALA A 117 -9.81 -18.17 -12.91
CA ALA A 117 -9.87 -17.03 -13.83
C ALA A 117 -8.52 -16.33 -13.94
N LYS A 118 -7.74 -16.27 -12.85
CA LYS A 118 -6.42 -15.65 -12.95
C LYS A 118 -5.44 -16.56 -13.68
N ARG A 119 -5.56 -17.87 -13.45
CA ARG A 119 -4.86 -18.89 -14.24
C ARG A 119 -5.08 -18.68 -15.74
N TYR A 120 -6.31 -18.32 -16.13
CA TYR A 120 -6.61 -18.12 -17.54
C TYR A 120 -5.84 -16.94 -18.12
N LEU A 121 -5.79 -15.83 -17.38
CA LEU A 121 -5.06 -14.65 -17.84
C LEU A 121 -3.60 -14.98 -18.09
N ILE A 122 -3.00 -15.74 -17.18
CA ILE A 122 -1.59 -16.11 -17.27
C ILE A 122 -1.36 -17.05 -18.44
N ASP A 123 -2.07 -18.19 -18.45
CA ASP A 123 -1.80 -19.21 -19.46
C ASP A 123 -2.03 -18.70 -20.87
N LYS A 124 -2.96 -17.75 -21.05
CA LYS A 124 -3.32 -17.27 -22.38
C LYS A 124 -2.61 -15.99 -22.75
N GLY A 125 -1.66 -15.54 -21.92
CA GLY A 125 -0.91 -14.32 -22.21
C GLY A 125 -1.73 -13.05 -22.26
N LEU A 126 -2.84 -12.99 -21.53
CA LEU A 126 -3.69 -11.81 -21.60
C LEU A 126 -3.34 -10.82 -20.50
N VAL A 127 -3.51 -9.53 -20.82
CA VAL A 127 -3.10 -8.44 -19.96
C VAL A 127 -4.27 -7.46 -19.83
N PRO A 128 -4.81 -7.25 -18.63
CA PRO A 128 -5.87 -6.25 -18.47
C PRO A 128 -5.34 -4.84 -18.74
N MET A 129 -6.26 -3.95 -19.12
CA MET A 129 -6.01 -2.50 -19.16
C MET A 129 -4.93 -2.11 -20.16
N GLU A 130 -5.07 -2.53 -21.41
CA GLU A 130 -4.19 -2.07 -22.49
C GLU A 130 -5.02 -1.46 -23.60
N GLY A 131 -4.55 -0.33 -24.13
CA GLY A 131 -5.15 0.26 -25.31
C GLY A 131 -5.95 1.53 -25.01
N ASP A 132 -6.34 2.18 -26.11
CA ASP A 132 -7.02 3.48 -26.14
C ASP A 132 -8.50 3.31 -25.82
N GLU A 133 -8.82 3.17 -24.53
CA GLU A 133 -10.22 3.15 -24.11
C GLU A 133 -10.41 4.08 -22.94
N GLU A 134 -11.35 5.01 -23.09
CA GLU A 134 -11.90 5.74 -21.96
C GLU A 134 -12.92 4.88 -21.23
N LEU A 135 -12.72 4.70 -19.94
CA LEU A 135 -13.72 4.06 -19.11
C LEU A 135 -14.71 5.10 -18.63
N LYS A 136 -16.00 4.78 -18.71
CA LYS A 136 -17.01 5.65 -18.11
C LYS A 136 -17.02 5.38 -16.61
N MET A 137 -16.96 6.44 -15.82
CA MET A 137 -16.82 6.33 -14.38
C MET A 137 -17.98 7.01 -13.65
N LEU A 138 -18.38 6.42 -12.53
CA LEU A 138 -19.46 6.98 -11.70
C LEU A 138 -19.14 6.73 -10.23
N ALA A 139 -19.06 7.78 -9.43
CA ALA A 139 -18.89 7.63 -7.98
C ALA A 139 -20.23 7.73 -7.27
N PHE A 140 -20.30 7.13 -6.08
CA PHE A 140 -21.52 7.25 -5.30
C PHE A 140 -21.22 7.14 -3.82
N ALA A 141 -22.21 7.53 -3.01
CA ALA A 141 -22.07 7.60 -1.57
C ALA A 141 -23.46 7.57 -0.97
N ILE A 142 -23.56 7.09 0.27
CA ILE A 142 -24.83 7.09 0.97
C ILE A 142 -24.69 7.86 2.28
N ALA A 143 -25.83 8.19 2.84
CA ALA A 143 -25.96 8.82 4.13
C ALA A 143 -27.08 8.07 4.85
N THR A 144 -26.89 7.79 6.12
CA THR A 144 -27.77 6.84 6.80
C THR A 144 -28.34 7.45 8.07
N LEU A 145 -29.31 6.76 8.65
CA LEU A 145 -29.88 7.20 9.92
C LEU A 145 -29.25 6.35 11.02
N TYR A 146 -28.41 6.96 11.85
CA TYR A 146 -27.67 6.25 12.88
C TYR A 146 -28.19 6.62 14.26
N HIS A 147 -28.43 5.61 15.09
CA HIS A 147 -28.56 5.79 16.54
C HIS A 147 -27.65 4.80 17.24
N GLU A 148 -27.08 5.23 18.36
CA GLU A 148 -26.17 4.38 19.09
C GLU A 148 -26.91 3.18 19.66
N GLY A 149 -26.24 2.02 19.66
CA GLY A 149 -26.79 0.80 20.23
C GLY A 149 -27.64 -0.04 19.31
N GLU A 150 -27.75 0.30 18.03
CA GLU A 150 -28.54 -0.52 17.11
C GLU A 150 -27.65 -1.37 16.23
N GLU A 151 -28.28 -2.38 15.62
CA GLU A 151 -27.54 -3.27 14.74
C GLU A 151 -27.05 -2.53 13.51
N PHE A 152 -26.21 -3.19 12.74
CA PHE A 152 -25.85 -2.64 11.46
C PHE A 152 -27.07 -2.55 10.56
N ALA A 153 -27.26 -1.39 9.95
CA ALA A 153 -28.29 -1.18 8.94
C ALA A 153 -29.69 -1.40 9.51
N GLU A 154 -29.86 -1.22 10.82
CA GLU A 154 -31.21 -1.22 11.35
C GLU A 154 -32.00 -0.03 10.81
N GLY A 155 -31.34 1.10 10.59
CA GLY A 155 -31.98 2.32 10.18
C GLY A 155 -31.92 2.55 8.68
N PRO A 156 -32.87 3.32 8.15
CA PRO A 156 -32.95 3.47 6.69
C PRO A 156 -31.80 4.30 6.13
N ILE A 157 -31.52 4.09 4.84
CA ILE A 157 -30.66 5.03 4.13
C ILE A 157 -31.45 6.31 3.91
N LEU A 158 -30.80 7.44 4.16
CA LEU A 158 -31.49 8.73 3.96
C LEU A 158 -31.21 9.33 2.58
N MET A 159 -29.99 9.20 2.08
CA MET A 159 -29.61 9.84 0.82
C MET A 159 -28.60 8.97 0.11
N ILE A 160 -28.78 8.85 -1.21
CA ILE A 160 -27.80 8.28 -2.11
C ILE A 160 -27.37 9.37 -3.06
N SER A 161 -26.08 9.68 -3.05
CA SER A 161 -25.53 10.71 -3.92
C SER A 161 -24.59 10.08 -4.94
N TYR A 162 -24.50 10.70 -6.11
CA TYR A 162 -23.63 10.22 -7.17
C TYR A 162 -23.05 11.40 -7.93
N ALA A 163 -21.89 11.17 -8.53
CA ALA A 163 -21.18 12.20 -9.28
C ALA A 163 -20.39 11.54 -10.39
N ASP A 164 -20.36 12.21 -11.54
CA ASP A 164 -19.51 11.86 -12.66
C ASP A 164 -19.06 13.15 -13.33
N GLU A 165 -18.71 13.07 -14.62
CA GLU A 165 -18.23 14.25 -15.33
C GLU A 165 -19.31 15.30 -15.53
N GLU A 166 -20.59 14.94 -15.44
CA GLU A 166 -21.67 15.89 -15.69
C GLU A 166 -22.21 16.56 -14.43
N GLY A 167 -21.67 16.26 -13.25
CA GLY A 167 -22.12 16.90 -12.05
C GLY A 167 -22.35 15.90 -10.94
N ALA A 168 -23.01 16.36 -9.88
CA ALA A 168 -23.35 15.55 -8.73
C ALA A 168 -24.84 15.71 -8.41
N ARG A 169 -25.47 14.62 -7.98
CA ARG A 169 -26.85 14.70 -7.55
C ARG A 169 -27.06 13.88 -6.28
N VAL A 170 -28.14 14.22 -5.58
CA VAL A 170 -28.52 13.58 -4.33
C VAL A 170 -29.96 13.08 -4.49
N ILE A 171 -30.18 11.80 -4.20
CA ILE A 171 -31.52 11.24 -4.14
C ILE A 171 -31.90 11.09 -2.68
N THR A 172 -33.09 11.58 -2.33
CA THR A 172 -33.54 11.58 -0.95
C THR A 172 -35.06 11.52 -0.92
N TRP A 173 -35.61 11.15 0.24
CA TRP A 173 -37.06 10.97 0.33
C TRP A 173 -37.69 11.86 1.39
N LYS A 174 -37.08 13.01 1.65
CA LYS A 174 -37.76 14.16 2.20
C LYS A 174 -37.51 15.33 1.26
N ASN A 175 -38.28 16.40 1.42
CA ASN A 175 -38.17 17.57 0.58
C ASN A 175 -36.97 18.41 0.99
N VAL A 176 -35.98 18.55 0.10
CA VAL A 176 -34.86 19.46 0.32
C VAL A 176 -34.82 20.46 -0.84
N ASP A 177 -34.73 21.75 -0.51
CA ASP A 177 -34.81 22.78 -1.56
C ASP A 177 -33.40 23.08 -2.08
N LEU A 178 -32.93 22.22 -2.97
CA LEU A 178 -31.64 22.36 -3.60
C LEU A 178 -31.76 21.85 -5.02
N PRO A 179 -31.15 22.54 -5.99
CA PRO A 179 -31.34 22.16 -7.40
C PRO A 179 -30.74 20.81 -7.77
N TYR A 180 -29.79 20.30 -7.01
CA TYR A 180 -29.21 18.98 -7.31
C TYR A 180 -29.84 17.85 -6.53
N VAL A 181 -30.86 18.10 -5.72
CA VAL A 181 -31.56 17.06 -4.98
C VAL A 181 -32.78 16.63 -5.79
N ASP A 182 -32.85 15.34 -6.08
CA ASP A 182 -34.08 14.73 -6.56
C ASP A 182 -34.81 14.11 -5.38
N VAL A 183 -36.11 14.34 -5.31
CA VAL A 183 -36.92 13.86 -4.19
C VAL A 183 -37.83 12.74 -4.67
N VAL A 184 -37.82 11.63 -3.92
CA VAL A 184 -38.78 10.56 -4.12
C VAL A 184 -39.55 10.37 -2.80
N SER A 185 -40.53 9.45 -2.78
CA SER A 185 -41.41 9.38 -1.61
C SER A 185 -40.92 8.41 -0.54
N THR A 186 -40.24 7.33 -0.91
CA THR A 186 -39.84 6.31 0.05
C THR A 186 -38.38 5.96 -0.13
N GLU A 187 -37.81 5.31 0.89
CA GLU A 187 -36.46 4.79 0.76
C GLU A 187 -36.40 3.72 -0.32
N ARG A 188 -37.49 2.96 -0.51
CA ARG A 188 -37.49 1.96 -1.57
C ARG A 188 -37.39 2.64 -2.93
N GLU A 189 -38.17 3.71 -3.14
CA GLU A 189 -38.08 4.42 -4.41
C GLU A 189 -36.70 5.03 -4.60
N MET A 190 -36.08 5.51 -3.51
CA MET A 190 -34.74 6.09 -3.62
C MET A 190 -33.71 5.08 -4.09
N ILE A 191 -33.69 3.88 -3.49
CA ILE A 191 -32.75 2.86 -3.92
C ILE A 191 -33.08 2.41 -5.35
N LYS A 192 -34.37 2.21 -5.65
CA LYS A 192 -34.76 1.84 -7.00
C LYS A 192 -34.33 2.90 -8.01
N ARG A 193 -34.56 4.17 -7.67
CA ARG A 193 -34.11 5.26 -8.54
C ARG A 193 -32.60 5.19 -8.79
N PHE A 194 -31.82 4.89 -7.75
CA PHE A 194 -30.38 4.81 -7.92
C PHE A 194 -29.97 3.61 -8.78
N LEU A 195 -30.68 2.48 -8.65
CA LEU A 195 -30.49 1.35 -9.57
C LEU A 195 -30.60 1.79 -11.01
N ARG A 196 -31.69 2.50 -11.32
CA ARG A 196 -31.95 2.98 -12.67
C ARG A 196 -30.86 3.91 -13.16
N VAL A 197 -30.41 4.85 -12.31
CA VAL A 197 -29.35 5.76 -12.73
C VAL A 197 -28.11 5.00 -13.16
N VAL A 198 -27.69 4.02 -12.35
CA VAL A 198 -26.52 3.23 -12.70
C VAL A 198 -26.79 2.43 -13.96
N LYS A 199 -27.98 1.81 -14.05
CA LYS A 199 -28.28 1.03 -15.25
C LYS A 199 -28.38 1.95 -16.47
N GLU A 200 -28.81 3.19 -16.26
CA GLU A 200 -28.96 4.13 -17.37
C GLU A 200 -27.62 4.73 -17.79
N LYS A 201 -26.79 5.12 -16.81
CA LYS A 201 -25.48 5.64 -17.18
C LYS A 201 -24.54 4.54 -17.64
N ASP A 202 -24.78 3.29 -17.21
CA ASP A 202 -23.97 2.15 -17.60
C ASP A 202 -22.46 2.40 -17.45
N PRO A 203 -22.01 2.78 -16.26
CA PRO A 203 -20.58 3.08 -16.08
C PRO A 203 -19.68 1.85 -16.17
N ASP A 204 -18.43 2.07 -16.57
CA ASP A 204 -17.46 0.98 -16.49
C ASP A 204 -16.86 0.85 -15.11
N VAL A 205 -16.78 1.93 -14.34
CA VAL A 205 -16.19 1.94 -13.01
C VAL A 205 -17.18 2.54 -12.03
N LEU A 206 -17.39 1.85 -10.91
CA LEU A 206 -18.07 2.42 -9.75
C LEU A 206 -17.04 2.76 -8.66
N ILE A 207 -17.02 4.02 -8.24
CA ILE A 207 -16.07 4.51 -7.27
C ILE A 207 -16.80 4.74 -5.95
N THR A 208 -16.29 4.16 -4.87
CA THR A 208 -16.74 4.44 -3.53
C THR A 208 -15.54 4.84 -2.68
N TYR A 209 -15.83 5.39 -1.51
CA TYR A 209 -14.83 5.53 -0.45
C TYR A 209 -15.27 4.61 0.70
N ASN A 210 -14.61 3.45 0.76
CA ASN A 210 -14.89 2.36 1.71
C ASN A 210 -16.20 1.63 1.40
N GLY A 211 -16.58 1.55 0.12
CA GLY A 211 -17.75 0.77 -0.26
C GLY A 211 -17.61 -0.73 -0.03
N ASP A 212 -16.38 -1.22 -0.03
CA ASP A 212 -16.10 -2.62 0.27
C ASP A 212 -16.59 -3.07 1.64
N ASN A 213 -16.76 -2.13 2.57
CA ASN A 213 -17.04 -2.47 3.96
C ASN A 213 -18.17 -1.70 4.59
N PHE A 214 -18.69 -0.67 3.94
CA PHE A 214 -19.88 0.00 4.45
C PHE A 214 -21.00 0.08 3.41
N ASP A 215 -20.79 0.84 2.33
CA ASP A 215 -21.90 1.23 1.47
C ASP A 215 -22.63 0.03 0.89
N PHE A 216 -21.89 -0.93 0.30
CA PHE A 216 -22.58 -2.05 -0.36
C PHE A 216 -23.29 -2.95 0.64
N ALA A 217 -22.68 -3.18 1.81
CA ALA A 217 -23.34 -3.99 2.83
C ALA A 217 -24.60 -3.30 3.34
N TYR A 218 -24.54 -1.97 3.52
CA TYR A 218 -25.73 -1.23 3.94
C TYR A 218 -26.84 -1.37 2.91
N LEU A 219 -26.50 -1.17 1.64
CA LEU A 219 -27.49 -1.34 0.58
C LEU A 219 -28.00 -2.77 0.53
N LYS A 220 -27.12 -3.75 0.73
CA LYS A 220 -27.57 -5.14 0.73
C LYS A 220 -28.65 -5.35 1.78
N LYS A 221 -28.42 -4.88 3.01
CA LYS A 221 -29.33 -5.20 4.11
C LYS A 221 -30.63 -4.42 3.99
N ARG A 222 -30.60 -3.22 3.40
CA ARG A 222 -31.84 -2.51 3.15
C ARG A 222 -32.64 -3.19 2.05
N CYS A 223 -32.00 -3.49 0.91
CA CYS A 223 -32.64 -4.23 -0.17
C CYS A 223 -33.27 -5.55 0.30
N GLU A 224 -32.71 -6.19 1.33
CA GLU A 224 -33.35 -7.39 1.87
C GLU A 224 -34.61 -7.04 2.64
N LYS A 225 -34.53 -6.05 3.54
CA LYS A 225 -35.74 -5.61 4.24
C LYS A 225 -36.80 -5.13 3.28
N LEU A 226 -36.42 -4.35 2.28
CA LEU A 226 -37.38 -3.73 1.39
C LEU A 226 -37.77 -4.60 0.20
N GLY A 227 -37.22 -5.80 0.08
CA GLY A 227 -37.53 -6.66 -1.05
C GLY A 227 -37.14 -6.07 -2.41
N ILE A 228 -35.86 -5.78 -2.58
CA ILE A 228 -35.36 -5.13 -3.78
C ILE A 228 -34.31 -6.03 -4.42
N ASN A 229 -34.47 -6.30 -5.70
CA ASN A 229 -33.42 -6.97 -6.47
C ASN A 229 -32.35 -5.93 -6.81
N PHE A 230 -31.20 -6.03 -6.15
CA PHE A 230 -30.14 -5.03 -6.22
C PHE A 230 -29.24 -5.29 -7.43
N ALA A 231 -29.79 -5.05 -8.63
CA ALA A 231 -29.12 -5.55 -9.84
C ALA A 231 -28.22 -4.48 -10.46
N LEU A 232 -27.03 -4.31 -9.87
CA LEU A 232 -26.03 -3.38 -10.42
C LEU A 232 -25.19 -3.99 -11.55
N GLY A 233 -25.08 -5.31 -11.63
CA GLY A 233 -24.14 -5.91 -12.55
C GLY A 233 -24.61 -5.81 -14.00
N ARG A 234 -23.65 -5.68 -14.91
CA ARG A 234 -23.99 -5.61 -16.33
C ARG A 234 -24.67 -6.89 -16.81
N ASP A 235 -24.53 -8.00 -16.08
CA ASP A 235 -25.20 -9.26 -16.41
C ASP A 235 -26.51 -9.43 -15.67
N GLY A 236 -26.99 -8.37 -15.00
CA GLY A 236 -28.20 -8.41 -14.20
C GLY A 236 -28.04 -8.89 -12.77
N SER A 237 -26.80 -9.03 -12.28
CA SER A 237 -26.56 -9.66 -10.99
C SER A 237 -26.42 -8.61 -9.89
N GLU A 238 -26.46 -9.10 -8.66
CA GLU A 238 -26.28 -8.32 -7.45
C GLU A 238 -24.82 -8.25 -7.07
N PRO A 239 -24.40 -7.24 -6.32
CA PRO A 239 -23.01 -7.17 -5.87
C PRO A 239 -22.63 -8.44 -5.14
N LYS A 240 -21.46 -8.96 -5.48
CA LYS A 240 -20.94 -10.19 -4.90
C LYS A 240 -20.00 -9.77 -3.78
N ILE A 241 -20.34 -10.15 -2.56
CA ILE A 241 -19.55 -9.82 -1.38
C ILE A 241 -18.65 -10.98 -1.07
N GLN A 242 -17.38 -10.69 -0.82
CA GLN A 242 -16.42 -11.76 -0.60
C GLN A 242 -15.59 -11.44 0.63
N ARG A 243 -15.31 -12.47 1.44
CA ARG A 243 -14.45 -12.31 2.60
C ARG A 243 -13.01 -12.36 2.13
N MET A 244 -12.25 -11.33 2.46
CA MET A 244 -10.79 -11.46 2.33
C MET A 244 -10.20 -11.61 3.73
N GLY A 245 -10.58 -12.72 4.37
CA GLY A 245 -10.22 -13.00 5.73
C GLY A 245 -10.86 -12.05 6.72
N ASP A 246 -10.15 -10.95 7.01
CA ASP A 246 -10.56 -10.04 8.07
C ASP A 246 -11.72 -9.15 7.62
N ARG A 247 -11.58 -8.47 6.48
CA ARG A 247 -12.61 -7.55 6.00
C ARG A 247 -13.34 -8.16 4.81
N PHE A 248 -14.01 -7.31 4.05
CA PHE A 248 -14.79 -7.73 2.91
C PHE A 248 -14.37 -6.94 1.69
N ALA A 249 -14.77 -7.45 0.53
CA ALA A 249 -14.58 -6.77 -0.75
C ALA A 249 -15.78 -7.10 -1.62
N VAL A 250 -16.14 -6.17 -2.50
CA VAL A 250 -17.39 -6.27 -3.24
C VAL A 250 -17.11 -6.16 -4.73
N GLU A 251 -17.54 -7.16 -5.49
CA GLU A 251 -17.51 -7.14 -6.94
C GLU A 251 -18.86 -6.71 -7.50
N VAL A 252 -18.83 -5.92 -8.57
CA VAL A 252 -19.99 -5.66 -9.43
C VAL A 252 -19.66 -6.21 -10.81
N LYS A 253 -20.28 -7.33 -11.20
CA LYS A 253 -19.87 -8.02 -12.41
C LYS A 253 -20.14 -7.17 -13.65
N GLY A 254 -19.21 -7.21 -14.59
CA GLY A 254 -19.26 -6.30 -15.72
C GLY A 254 -18.68 -4.94 -15.45
N ARG A 255 -18.48 -4.59 -14.19
CA ARG A 255 -17.94 -3.29 -13.81
C ARG A 255 -16.72 -3.49 -12.92
N ILE A 256 -16.00 -2.40 -12.72
CA ILE A 256 -14.88 -2.37 -11.81
C ILE A 256 -15.36 -1.58 -10.60
N HIS A 257 -15.51 -2.24 -9.47
CA HIS A 257 -15.79 -1.50 -8.25
C HIS A 257 -14.45 -1.01 -7.70
N PHE A 258 -14.16 0.26 -7.93
CA PHE A 258 -12.94 0.90 -7.45
C PHE A 258 -13.23 1.52 -6.08
N ASP A 259 -12.75 0.88 -5.02
CA ASP A 259 -12.82 1.41 -3.66
C ASP A 259 -11.53 2.17 -3.37
N LEU A 260 -11.64 3.49 -3.18
CA LEU A 260 -10.49 4.33 -2.92
C LEU A 260 -9.79 4.01 -1.59
N TYR A 261 -10.51 3.49 -0.61
CA TYR A 261 -9.92 3.41 0.73
C TYR A 261 -8.69 2.51 0.78
N PRO A 262 -8.70 1.27 0.28
CA PRO A 262 -7.45 0.49 0.27
C PRO A 262 -6.40 1.10 -0.61
N VAL A 263 -6.79 1.75 -1.71
CA VAL A 263 -5.80 2.39 -2.58
C VAL A 263 -5.11 3.54 -1.85
N ILE A 264 -5.88 4.47 -1.29
CA ILE A 264 -5.27 5.60 -0.60
C ILE A 264 -4.42 5.11 0.56
N ARG A 265 -4.92 4.13 1.31
CA ARG A 265 -4.18 3.65 2.48
C ARG A 265 -2.84 3.03 2.09
N ARG A 266 -2.76 2.37 0.93
CA ARG A 266 -1.50 1.80 0.49
C ARG A 266 -0.60 2.83 -0.18
N THR A 267 -1.16 3.95 -0.64
CA THR A 267 -0.41 4.88 -1.48
C THR A 267 0.14 6.09 -0.74
N ILE A 268 -0.56 6.65 0.25
CA ILE A 268 -0.07 7.84 0.91
C ILE A 268 -0.17 7.67 2.42
N ASN A 269 0.84 8.17 3.12
CA ASN A 269 0.91 8.10 4.57
C ASN A 269 0.35 9.40 5.14
N LEU A 270 -0.87 9.32 5.66
CA LEU A 270 -1.61 10.42 6.26
C LEU A 270 -1.95 10.10 7.70
N PRO A 271 -2.09 11.12 8.56
CA PRO A 271 -2.42 10.87 9.97
C PRO A 271 -3.74 10.15 10.17
N THR A 272 -4.78 10.52 9.43
CA THR A 272 -6.05 9.81 9.42
C THR A 272 -6.48 9.57 7.99
N TYR A 273 -7.47 8.70 7.80
CA TYR A 273 -7.91 8.40 6.44
C TYR A 273 -9.42 8.63 6.27
N THR A 274 -9.98 9.59 7.01
CA THR A 274 -11.32 10.06 6.69
C THR A 274 -11.33 10.66 5.29
N LEU A 275 -12.51 10.62 4.65
CA LEU A 275 -12.64 11.16 3.31
C LEU A 275 -12.23 12.62 3.28
N GLU A 276 -12.51 13.36 4.36
CA GLU A 276 -12.18 14.79 4.35
C GLU A 276 -10.68 14.98 4.41
N ALA A 277 -9.98 14.15 5.18
CA ALA A 277 -8.53 14.27 5.30
C ALA A 277 -7.85 13.94 3.97
N VAL A 278 -8.27 12.84 3.34
CA VAL A 278 -7.68 12.45 2.06
C VAL A 278 -7.86 13.54 1.01
N TYR A 279 -9.05 14.14 0.93
CA TYR A 279 -9.31 15.16 -0.07
C TYR A 279 -8.46 16.40 0.15
N GLU A 280 -8.39 16.89 1.39
CA GLU A 280 -7.52 18.05 1.66
C GLU A 280 -6.06 17.74 1.38
N ALA A 281 -5.62 16.50 1.61
CA ALA A 281 -4.22 16.16 1.37
C ALA A 281 -3.91 16.13 -0.12
N VAL A 282 -4.79 15.52 -0.92
CA VAL A 282 -4.52 15.37 -2.34
C VAL A 282 -4.75 16.68 -3.10
N PHE A 283 -5.75 17.47 -2.71
CA PHE A 283 -6.13 18.64 -3.52
C PHE A 283 -5.89 19.98 -2.85
N GLY A 284 -5.72 20.04 -1.53
CA GLY A 284 -5.42 21.29 -0.87
C GLY A 284 -6.61 22.16 -0.57
N GLN A 285 -7.82 21.65 -0.71
CA GLN A 285 -9.02 22.43 -0.40
C GLN A 285 -9.82 21.74 0.70
N PRO A 286 -10.44 22.50 1.60
CA PRO A 286 -11.10 21.86 2.74
C PRO A 286 -12.41 21.22 2.32
N LYS A 287 -12.76 20.16 3.03
CA LYS A 287 -14.09 19.56 2.95
C LYS A 287 -14.61 19.52 4.38
N GLU A 288 -15.76 20.17 4.60
CA GLU A 288 -16.38 20.14 5.91
C GLU A 288 -17.08 18.80 6.13
N LYS A 289 -16.94 18.28 7.35
CA LYS A 289 -17.55 17.03 7.76
C LYS A 289 -18.86 17.28 8.52
N VAL A 290 -19.88 16.50 8.21
CA VAL A 290 -21.13 16.50 8.94
C VAL A 290 -21.27 15.14 9.60
N TYR A 291 -21.49 15.13 10.92
CA TYR A 291 -21.43 13.92 11.72
C TYR A 291 -22.79 13.26 11.81
N ALA A 292 -22.76 11.95 12.10
CA ALA A 292 -23.98 11.15 12.20
C ALA A 292 -25.02 11.77 13.12
N GLU A 293 -24.62 12.28 14.28
CA GLU A 293 -25.60 12.89 15.19
C GLU A 293 -26.30 14.08 14.54
N GLU A 294 -25.56 14.89 13.75
CA GLU A 294 -26.19 16.01 13.07
C GLU A 294 -27.13 15.53 11.99
N ILE A 295 -26.71 14.51 11.24
CA ILE A 295 -27.52 13.94 10.17
C ILE A 295 -28.85 13.43 10.72
N THR A 296 -28.81 12.71 11.85
CA THR A 296 -30.03 12.18 12.43
C THR A 296 -30.90 13.28 13.00
N THR A 297 -30.27 14.23 13.70
CA THR A 297 -31.01 15.37 14.23
C THR A 297 -31.71 16.12 13.12
N ALA A 298 -30.98 16.43 12.05
CA ALA A 298 -31.58 17.17 10.94
C ALA A 298 -32.72 16.39 10.32
N TRP A 299 -32.60 15.06 10.28
CA TRP A 299 -33.63 14.25 9.62
C TRP A 299 -34.89 14.19 10.46
N GLU A 300 -34.73 14.04 11.77
CA GLU A 300 -35.89 13.88 12.64
C GLU A 300 -36.51 15.21 13.04
N THR A 301 -35.72 16.29 13.13
CA THR A 301 -36.30 17.63 13.28
C THR A 301 -36.79 18.19 11.96
N GLY A 302 -36.30 17.66 10.83
CA GLY A 302 -36.56 18.27 9.55
C GLY A 302 -35.87 19.60 9.33
N GLU A 303 -34.93 19.98 10.19
CA GLU A 303 -34.27 21.28 10.10
C GLU A 303 -32.87 21.11 9.55
N ASN A 304 -32.49 21.98 8.61
CA ASN A 304 -31.13 22.02 8.06
C ASN A 304 -30.79 20.76 7.28
N LEU A 305 -31.77 20.23 6.52
CA LEU A 305 -31.46 19.13 5.62
C LEU A 305 -30.66 19.59 4.42
N GLU A 306 -30.72 20.89 4.09
CA GLU A 306 -29.84 21.41 3.05
C GLU A 306 -28.39 21.08 3.37
N ARG A 307 -27.99 21.23 4.62
CA ARG A 307 -26.61 20.99 5.00
C ARG A 307 -26.25 19.52 4.85
N VAL A 308 -27.20 18.62 5.13
CA VAL A 308 -26.94 17.20 4.97
C VAL A 308 -26.85 16.85 3.48
N ALA A 309 -27.76 17.40 2.66
CA ALA A 309 -27.70 17.18 1.23
C ALA A 309 -26.38 17.67 0.63
N ARG A 310 -25.97 18.89 0.97
CA ARG A 310 -24.71 19.41 0.45
C ARG A 310 -23.54 18.50 0.86
N TYR A 311 -23.50 18.08 2.12
CA TYR A 311 -22.46 17.15 2.54
C TYR A 311 -22.50 15.86 1.72
N SER A 312 -23.70 15.31 1.52
CA SER A 312 -23.81 14.10 0.70
C SER A 312 -23.41 14.36 -0.74
N MET A 313 -23.83 15.50 -1.31
CA MET A 313 -23.41 15.84 -2.67
C MET A 313 -21.89 15.91 -2.76
N GLU A 314 -21.25 16.52 -1.76
CA GLU A 314 -19.81 16.64 -1.80
C GLU A 314 -19.11 15.30 -1.59
N ASP A 315 -19.69 14.39 -0.79
CA ASP A 315 -19.10 13.06 -0.63
C ASP A 315 -18.89 12.42 -2.00
N ALA A 316 -19.94 12.43 -2.82
CA ALA A 316 -19.83 11.81 -4.14
C ALA A 316 -18.86 12.58 -5.02
N LYS A 317 -18.94 13.92 -5.02
CA LYS A 317 -18.13 14.71 -5.93
C LYS A 317 -16.63 14.60 -5.61
N VAL A 318 -16.23 14.60 -4.34
CA VAL A 318 -14.81 14.41 -4.10
C VAL A 318 -14.41 12.96 -4.32
N THR A 319 -15.34 12.04 -4.09
CA THR A 319 -15.03 10.64 -4.39
C THR A 319 -14.77 10.45 -5.87
N TYR A 320 -15.59 11.09 -6.72
CA TYR A 320 -15.35 11.03 -8.15
C TYR A 320 -14.04 11.70 -8.51
N GLU A 321 -13.75 12.86 -7.91
CA GLU A 321 -12.53 13.58 -8.23
C GLU A 321 -11.29 12.77 -7.81
N LEU A 322 -11.36 12.09 -6.65
CA LEU A 322 -10.25 11.22 -6.27
C LEU A 322 -10.15 9.99 -7.17
N GLY A 323 -11.30 9.43 -7.58
CA GLY A 323 -11.29 8.36 -8.56
C GLY A 323 -10.49 8.72 -9.80
N LYS A 324 -10.77 9.91 -10.39
CA LYS A 324 -10.06 10.36 -11.59
C LYS A 324 -8.56 10.46 -11.34
N GLU A 325 -8.18 10.87 -10.13
CA GLU A 325 -6.76 11.01 -9.80
C GLU A 325 -6.06 9.65 -9.70
N PHE A 326 -6.66 8.68 -9.00
CA PHE A 326 -5.94 7.45 -8.69
C PHE A 326 -6.20 6.30 -9.66
N LEU A 327 -7.31 6.32 -10.40
CA LEU A 327 -7.60 5.19 -11.29
C LEU A 327 -6.54 4.96 -12.37
N PRO A 328 -6.07 5.96 -13.12
CA PRO A 328 -5.04 5.66 -14.13
C PRO A 328 -3.79 5.04 -13.54
N MET A 329 -3.38 5.49 -12.35
CA MET A 329 -2.22 4.88 -11.71
C MET A 329 -2.45 3.39 -11.49
N GLU A 330 -3.59 3.04 -10.91
CA GLU A 330 -3.93 1.64 -10.64
C GLU A 330 -4.15 0.84 -11.93
N ALA A 331 -4.61 1.48 -13.00
CA ALA A 331 -4.70 0.77 -14.28
C ALA A 331 -3.33 0.35 -14.80
N GLN A 332 -2.32 1.22 -14.68
CA GLN A 332 -0.99 0.83 -15.11
C GLN A 332 -0.42 -0.29 -14.27
N LEU A 333 -0.63 -0.25 -12.95
CA LEU A 333 -0.26 -1.35 -12.09
C LEU A 333 -0.95 -2.65 -12.50
N SER A 334 -2.22 -2.57 -12.87
CA SER A 334 -2.90 -3.76 -13.34
C SER A 334 -2.27 -4.28 -14.63
N ARG A 335 -1.95 -3.36 -15.54
CA ARG A 335 -1.32 -3.77 -16.78
C ARG A 335 0.09 -4.33 -16.55
N LEU A 336 0.80 -3.81 -15.54
CA LEU A 336 2.15 -4.29 -15.23
C LEU A 336 2.12 -5.66 -14.55
N ILE A 337 1.24 -5.85 -13.57
CA ILE A 337 1.20 -7.11 -12.84
C ILE A 337 0.49 -8.19 -13.64
N GLY A 338 -0.31 -7.83 -14.64
CA GLY A 338 -1.08 -8.82 -15.36
C GLY A 338 -2.31 -9.35 -14.64
N GLN A 339 -2.89 -8.59 -13.71
CA GLN A 339 -4.14 -8.98 -13.06
C GLN A 339 -5.13 -7.81 -13.07
N SER A 340 -6.38 -8.11 -12.72
CA SER A 340 -7.45 -7.12 -12.83
C SER A 340 -7.21 -5.94 -11.91
N LEU A 341 -7.68 -4.76 -12.37
CA LEU A 341 -7.65 -3.57 -11.52
C LEU A 341 -8.35 -3.84 -10.20
N TRP A 342 -9.44 -4.60 -10.23
CA TRP A 342 -10.11 -4.95 -8.99
C TRP A 342 -9.15 -5.63 -8.02
N ASP A 343 -8.43 -6.64 -8.50
CA ASP A 343 -7.53 -7.41 -7.63
C ASP A 343 -6.34 -6.57 -7.16
N VAL A 344 -5.64 -5.91 -8.09
CA VAL A 344 -4.38 -5.27 -7.72
C VAL A 344 -4.62 -4.11 -6.76
N SER A 345 -5.66 -3.32 -7.01
CA SER A 345 -5.99 -2.20 -6.11
C SER A 345 -6.29 -2.64 -4.68
N ARG A 346 -6.38 -3.95 -4.41
CA ARG A 346 -6.60 -4.43 -3.06
C ARG A 346 -5.51 -5.38 -2.62
N SER A 347 -4.34 -5.32 -3.26
CA SER A 347 -3.28 -6.27 -3.04
C SER A 347 -2.09 -5.63 -2.35
N SER A 348 -1.50 -6.37 -1.42
CA SER A 348 -0.25 -5.99 -0.80
C SER A 348 0.90 -6.14 -1.79
N THR A 349 2.04 -5.57 -1.39
CA THR A 349 3.30 -5.69 -2.12
C THR A 349 3.65 -7.13 -2.44
N GLY A 350 3.65 -8.00 -1.43
CA GLY A 350 4.05 -9.39 -1.64
C GLY A 350 3.19 -10.11 -2.66
N ASN A 351 1.87 -9.90 -2.59
CA ASN A 351 0.97 -10.53 -3.55
C ASN A 351 1.21 -10.01 -4.96
N LEU A 352 1.46 -8.69 -5.07
CA LEU A 352 1.73 -8.10 -6.37
C LEU A 352 2.97 -8.71 -7.02
N VAL A 353 4.08 -8.76 -6.27
CA VAL A 353 5.29 -9.35 -6.83
C VAL A 353 5.02 -10.79 -7.25
N GLU A 354 4.33 -11.55 -6.40
CA GLU A 354 4.15 -12.96 -6.69
C GLU A 354 3.37 -13.18 -7.98
N TRP A 355 2.28 -12.43 -8.19
CA TRP A 355 1.50 -12.61 -9.42
C TRP A 355 2.32 -12.25 -10.64
N PHE A 356 3.19 -11.24 -10.52
CA PHE A 356 4.11 -10.95 -11.60
C PHE A 356 5.00 -12.16 -11.87
N LEU A 357 5.58 -12.72 -10.80
CA LEU A 357 6.48 -13.85 -10.95
C LEU A 357 5.78 -15.09 -11.49
N LEU A 358 4.50 -15.31 -11.14
CA LEU A 358 3.81 -16.48 -11.65
C LEU A 358 3.55 -16.38 -13.15
N ARG A 359 3.31 -15.18 -13.65
CA ARG A 359 3.14 -15.04 -15.09
C ARG A 359 4.48 -15.22 -15.79
N LYS A 360 5.52 -14.59 -15.25
CA LYS A 360 6.85 -14.74 -15.84
C LYS A 360 7.32 -16.19 -15.76
N ALA A 361 7.07 -16.86 -14.63
CA ALA A 361 7.44 -18.27 -14.51
C ALA A 361 6.71 -19.13 -15.54
N TYR A 362 5.41 -18.86 -15.75
CA TYR A 362 4.70 -19.60 -16.79
C TYR A 362 5.36 -19.40 -18.15
N GLU A 363 5.72 -18.17 -18.51
CA GLU A 363 6.24 -17.96 -19.86
C GLU A 363 7.59 -18.63 -20.06
N ARG A 364 8.30 -18.97 -18.97
CA ARG A 364 9.62 -19.59 -19.06
C ARG A 364 9.57 -21.07 -18.69
N ASN A 365 8.38 -21.65 -18.72
CA ASN A 365 8.15 -23.05 -18.35
C ASN A 365 8.80 -23.41 -17.01
N GLU A 366 8.77 -22.47 -16.07
CA GLU A 366 9.27 -22.70 -14.72
C GLU A 366 8.11 -23.09 -13.82
N LEU A 367 8.17 -24.30 -13.29
CA LEU A 367 7.25 -24.74 -12.25
C LEU A 367 7.41 -23.86 -11.01
N ALA A 368 6.29 -23.35 -10.48
CA ALA A 368 6.33 -22.40 -9.38
C ALA A 368 6.54 -23.13 -8.06
N PRO A 369 7.40 -22.60 -7.18
CA PRO A 369 7.45 -23.11 -5.82
C PRO A 369 6.12 -22.90 -5.11
N ASN A 370 5.92 -23.65 -4.04
CA ASN A 370 4.70 -23.53 -3.27
C ASN A 370 4.84 -22.49 -2.16
N LYS A 371 3.70 -21.95 -1.77
CA LYS A 371 3.58 -21.24 -0.51
C LYS A 371 3.92 -22.19 0.64
N PRO A 372 4.58 -21.70 1.68
CA PRO A 372 4.99 -22.58 2.79
C PRO A 372 3.81 -23.04 3.63
N ASP A 373 3.87 -24.31 4.08
CA ASP A 373 2.94 -24.82 5.09
C ASP A 373 3.34 -24.29 6.46
N GLU A 374 2.72 -24.82 7.52
CA GLU A 374 3.01 -24.34 8.86
C GLU A 374 4.41 -24.74 9.31
N LYS A 375 4.78 -26.01 9.10
CA LYS A 375 6.13 -26.48 9.42
C LYS A 375 7.18 -25.58 8.77
N GLU A 376 7.02 -25.28 7.48
CA GLU A 376 8.02 -24.53 6.75
C GLU A 376 8.02 -23.06 7.15
N LEU A 377 6.84 -22.49 7.37
CA LEU A 377 6.75 -21.11 7.86
C LEU A 377 7.52 -20.93 9.16
N ALA A 378 7.37 -21.89 10.08
CA ALA A 378 8.11 -21.85 11.34
C ALA A 378 9.61 -21.82 11.07
N ARG A 379 10.09 -22.78 10.30
CA ARG A 379 11.50 -22.83 9.91
C ARG A 379 11.99 -21.50 9.33
N ARG A 380 11.10 -20.75 8.67
CA ARG A 380 11.54 -19.57 7.94
C ARG A 380 11.61 -18.30 8.76
N ARG A 381 11.45 -18.36 10.09
CA ARG A 381 11.40 -17.10 10.82
C ARG A 381 12.75 -16.72 11.40
N GLN A 382 13.83 -17.33 10.91
CA GLN A 382 15.16 -16.85 11.17
C GLN A 382 15.41 -15.56 10.38
N SER A 383 16.03 -14.58 11.03
CA SER A 383 16.29 -13.28 10.43
C SER A 383 17.75 -13.21 9.96
N TYR A 384 18.16 -12.04 9.47
CA TYR A 384 19.48 -11.83 8.89
C TYR A 384 19.87 -10.38 9.07
N GLU A 385 21.14 -10.08 8.83
CA GLU A 385 21.65 -8.72 9.01
C GLU A 385 21.19 -7.78 7.88
N GLY A 386 20.89 -6.54 8.25
CA GLY A 386 20.33 -5.56 7.33
C GLY A 386 21.33 -4.50 6.90
N GLY A 387 20.81 -3.30 6.66
CA GLY A 387 21.64 -2.22 6.17
C GLY A 387 22.53 -1.64 7.25
N TYR A 388 23.66 -1.10 6.80
CA TYR A 388 24.59 -0.41 7.68
C TYR A 388 24.04 0.95 8.10
N VAL A 389 24.11 1.25 9.39
CA VAL A 389 23.72 2.56 9.90
C VAL A 389 24.84 3.12 10.75
N LYS A 390 25.49 4.17 10.26
CA LYS A 390 26.44 4.91 11.08
C LYS A 390 25.71 5.73 12.15
N GLU A 391 26.21 5.68 13.37
CA GLU A 391 25.80 6.63 14.39
C GLU A 391 26.21 8.04 13.95
N PRO A 392 25.28 8.98 13.82
CA PRO A 392 25.65 10.31 13.33
C PRO A 392 26.53 11.09 14.30
N GLU A 393 27.32 11.99 13.74
CA GLU A 393 27.96 13.03 14.55
C GLU A 393 26.89 14.08 14.83
N ARG A 394 26.26 13.97 15.98
CA ARG A 394 25.06 14.75 16.22
C ARG A 394 25.38 16.24 16.29
N GLY A 395 24.43 17.05 15.83
CA GLY A 395 24.53 18.48 15.94
C GLY A 395 24.28 19.16 14.62
N LEU A 396 24.76 20.41 14.52
CA LEU A 396 24.54 21.25 13.36
C LEU A 396 25.78 21.23 12.47
N TRP A 397 25.58 21.07 11.15
CA TRP A 397 26.68 21.07 10.20
C TRP A 397 26.39 22.00 9.02
N GLU A 398 27.46 22.59 8.48
CA GLU A 398 27.42 23.45 7.30
C GLU A 398 28.04 22.75 6.09
N ASN A 399 27.55 23.09 4.91
CA ASN A 399 28.11 22.67 3.62
C ASN A 399 28.23 21.14 3.53
N ILE A 400 27.09 20.51 3.31
CA ILE A 400 26.98 19.06 3.32
C ILE A 400 26.60 18.64 1.91
N VAL A 401 27.24 17.58 1.43
CA VAL A 401 26.79 16.91 0.20
C VAL A 401 26.22 15.55 0.57
N TYR A 402 25.16 15.15 -0.12
CA TYR A 402 24.61 13.80 0.04
C TYR A 402 24.99 12.99 -1.19
N LEU A 403 25.75 11.92 -0.97
CA LEU A 403 26.17 10.98 -2.02
C LEU A 403 25.48 9.65 -1.77
N ASP A 404 25.01 9.01 -2.84
CA ASP A 404 24.40 7.70 -2.64
C ASP A 404 24.37 6.91 -3.94
N PHE A 405 24.05 5.63 -3.78
CA PHE A 405 23.98 4.70 -4.89
C PHE A 405 22.66 4.82 -5.65
N ARG A 406 22.76 4.77 -6.98
CA ARG A 406 21.61 4.63 -7.84
C ARG A 406 21.12 3.20 -7.69
N SER A 407 19.92 3.03 -7.12
CA SER A 407 19.33 1.72 -6.91
C SER A 407 20.31 0.67 -6.39
N LEU A 408 20.70 0.76 -5.12
CA LEU A 408 21.73 -0.15 -4.61
C LEU A 408 21.29 -1.61 -4.72
N TYR A 409 20.11 -1.94 -4.18
CA TYR A 409 19.75 -3.36 -4.12
C TYR A 409 19.46 -3.97 -5.49
N PRO A 410 18.68 -3.34 -6.37
CA PRO A 410 18.56 -3.94 -7.71
C PRO A 410 19.89 -3.97 -8.46
N SER A 411 20.75 -2.98 -8.27
CA SER A 411 22.07 -3.03 -8.94
C SER A 411 22.88 -4.24 -8.47
N ILE A 412 22.74 -4.60 -7.20
CA ILE A 412 23.46 -5.76 -6.67
C ILE A 412 22.86 -7.05 -7.22
N ILE A 413 21.54 -7.12 -7.29
CA ILE A 413 20.89 -8.31 -7.83
C ILE A 413 21.30 -8.51 -9.29
N ILE A 414 21.19 -7.47 -10.10
CA ILE A 414 21.66 -7.54 -11.49
C ILE A 414 23.14 -7.93 -11.53
N THR A 415 23.99 -7.15 -10.88
CA THR A 415 25.44 -7.27 -11.10
C THR A 415 25.99 -8.62 -10.64
N HIS A 416 25.47 -9.14 -9.53
CA HIS A 416 26.00 -10.36 -8.95
C HIS A 416 25.09 -11.55 -9.18
N ASN A 417 24.01 -11.35 -9.96
CA ASN A 417 23.12 -12.42 -10.41
C ASN A 417 22.52 -13.19 -9.23
N VAL A 418 22.05 -12.44 -8.24
CA VAL A 418 21.53 -13.02 -7.01
C VAL A 418 20.11 -13.54 -7.26
N SER A 419 19.97 -14.86 -7.33
CA SER A 419 18.71 -15.52 -7.60
C SER A 419 18.72 -16.90 -6.96
N PRO A 420 17.56 -17.43 -6.55
CA PRO A 420 17.54 -18.78 -6.00
C PRO A 420 17.94 -19.85 -7.01
N ASP A 421 17.82 -19.59 -8.31
CA ASP A 421 18.24 -20.57 -9.30
C ASP A 421 19.73 -20.48 -9.61
N THR A 422 20.40 -19.42 -9.17
CA THR A 422 21.84 -19.37 -9.28
C THR A 422 22.54 -19.67 -7.94
N LEU A 423 21.78 -19.75 -6.84
CA LEU A 423 22.38 -19.88 -5.52
C LEU A 423 23.09 -21.22 -5.37
N ASN A 424 24.41 -21.16 -5.17
CA ASN A 424 25.27 -22.35 -4.98
C ASN A 424 25.02 -23.42 -6.06
N ARG A 425 24.70 -22.99 -7.28
CA ARG A 425 24.51 -23.95 -8.37
C ARG A 425 25.86 -24.49 -8.81
N GLU A 426 26.03 -25.81 -8.72
CA GLU A 426 27.32 -26.44 -8.96
C GLU A 426 27.62 -26.55 -10.46
N GLY A 427 28.91 -26.58 -10.79
CA GLY A 427 29.32 -26.90 -12.15
C GLY A 427 29.37 -25.74 -13.12
N CYS A 428 29.38 -24.51 -12.62
CA CYS A 428 29.56 -23.34 -13.47
C CYS A 428 31.04 -22.99 -13.60
N LYS A 429 31.33 -22.15 -14.60
CA LYS A 429 32.67 -21.61 -14.82
C LYS A 429 32.95 -20.40 -13.94
N GLU A 430 31.93 -19.62 -13.56
CA GLU A 430 32.13 -18.33 -12.91
C GLU A 430 31.06 -18.06 -11.84
N TYR A 431 31.52 -17.57 -10.68
CA TYR A 431 30.69 -17.25 -9.52
C TYR A 431 31.06 -15.88 -8.98
N ASP A 432 30.07 -15.23 -8.35
CA ASP A 432 30.32 -14.11 -7.45
C ASP A 432 30.06 -14.58 -6.03
N VAL A 433 30.90 -14.16 -5.09
CA VAL A 433 30.84 -14.65 -3.71
C VAL A 433 30.45 -13.50 -2.80
N ALA A 434 29.30 -13.62 -2.13
CA ALA A 434 28.79 -12.56 -1.27
C ALA A 434 29.70 -12.38 -0.07
N PRO A 435 30.04 -11.15 0.29
CA PRO A 435 30.93 -10.94 1.43
C PRO A 435 30.25 -11.38 2.72
N GLN A 436 31.08 -11.68 3.72
CA GLN A 436 30.65 -12.09 5.05
C GLN A 436 29.87 -13.40 5.06
N VAL A 437 28.75 -13.46 4.34
CA VAL A 437 27.85 -14.61 4.46
C VAL A 437 28.26 -15.78 3.55
N GLY A 438 29.03 -15.53 2.48
CA GLY A 438 29.71 -16.58 1.74
C GLY A 438 28.95 -17.22 0.59
N HIS A 439 27.73 -16.80 0.29
CA HIS A 439 26.94 -17.49 -0.73
C HIS A 439 27.53 -17.30 -2.11
N ARG A 440 27.59 -18.38 -2.88
CA ARG A 440 28.12 -18.33 -4.24
C ARG A 440 26.95 -18.20 -5.22
N PHE A 441 27.12 -17.33 -6.22
CA PHE A 441 26.09 -17.12 -7.23
C PHE A 441 26.69 -17.31 -8.61
N CYS A 442 26.16 -18.28 -9.35
CA CYS A 442 26.60 -18.57 -10.69
C CYS A 442 26.40 -17.38 -11.62
N LYS A 443 27.38 -17.11 -12.49
CA LYS A 443 27.27 -16.03 -13.46
C LYS A 443 27.17 -16.51 -14.89
N ASP A 444 27.12 -17.82 -15.14
CA ASP A 444 27.16 -18.32 -16.50
C ASP A 444 25.88 -18.02 -17.29
N PHE A 445 24.76 -17.79 -16.61
CA PHE A 445 23.50 -17.53 -17.27
C PHE A 445 22.70 -16.62 -16.35
N PRO A 446 21.84 -15.77 -16.88
CA PRO A 446 21.10 -14.83 -16.01
C PRO A 446 20.07 -15.58 -15.17
N GLY A 447 20.02 -15.24 -13.88
CA GLY A 447 19.02 -15.86 -13.03
C GLY A 447 17.61 -15.41 -13.37
N PHE A 448 16.64 -16.19 -12.89
CA PHE A 448 15.23 -15.82 -13.06
C PHE A 448 14.95 -14.38 -12.59
N ILE A 449 15.18 -14.10 -11.31
CA ILE A 449 14.92 -12.75 -10.80
C ILE A 449 15.82 -11.72 -11.47
N PRO A 450 17.16 -11.88 -11.48
CA PRO A 450 18.01 -10.88 -12.18
C PRO A 450 17.57 -10.57 -13.59
N SER A 451 17.20 -11.59 -14.38
CA SER A 451 16.75 -11.33 -15.73
C SER A 451 15.49 -10.44 -15.73
N LEU A 452 14.49 -10.77 -14.91
CA LEU A 452 13.28 -9.94 -14.88
C LEU A 452 13.61 -8.51 -14.47
N LEU A 453 14.43 -8.36 -13.43
CA LEU A 453 14.83 -7.03 -12.98
C LEU A 453 15.51 -6.24 -14.08
N GLY A 454 16.46 -6.86 -14.78
CA GLY A 454 17.11 -6.21 -15.88
C GLY A 454 16.13 -5.75 -16.93
N ASP A 455 15.19 -6.63 -17.32
CA ASP A 455 14.17 -6.25 -18.29
C ASP A 455 13.39 -5.03 -17.81
N LEU A 456 12.94 -5.08 -16.55
CA LEU A 456 12.18 -3.97 -15.96
C LEU A 456 12.97 -2.67 -16.02
N LEU A 457 14.20 -2.66 -15.48
CA LEU A 457 14.95 -1.40 -15.42
C LEU A 457 15.25 -0.87 -16.82
N GLU A 458 15.39 -1.76 -17.80
CA GLU A 458 15.58 -1.33 -19.17
C GLU A 458 14.29 -0.78 -19.75
N GLU A 459 13.14 -1.41 -19.48
CA GLU A 459 11.90 -0.85 -20.00
C GLU A 459 11.66 0.53 -19.44
N ARG A 460 11.96 0.72 -18.16
CA ARG A 460 11.74 2.02 -17.55
C ARG A 460 12.52 3.10 -18.28
N GLN A 461 13.73 2.79 -18.74
CA GLN A 461 14.54 3.79 -19.44
C GLN A 461 13.96 4.12 -20.81
N LYS A 462 13.39 3.12 -21.50
CA LYS A 462 12.78 3.41 -22.80
C LYS A 462 11.54 4.28 -22.64
N ILE A 463 10.77 4.06 -21.57
CA ILE A 463 9.60 4.87 -21.32
C ILE A 463 10.00 6.33 -21.08
N LYS A 464 10.98 6.54 -20.19
CA LYS A 464 11.46 7.90 -19.95
C LYS A 464 11.93 8.59 -21.22
N LYS A 465 12.67 7.87 -22.07
CA LYS A 465 13.01 8.44 -23.37
C LYS A 465 11.75 8.72 -24.19
N LYS A 466 10.80 7.80 -24.16
CA LYS A 466 9.56 7.95 -24.91
C LYS A 466 8.72 9.12 -24.39
N MET A 467 8.69 9.33 -23.07
CA MET A 467 7.94 10.48 -22.53
C MET A 467 8.50 11.79 -23.06
N LYS A 468 9.82 11.92 -23.09
CA LYS A 468 10.39 13.22 -23.43
C LYS A 468 10.16 13.55 -24.90
N ALA A 469 9.99 12.54 -25.74
CA ALA A 469 9.78 12.78 -27.17
C ALA A 469 8.32 12.68 -27.59
N THR A 470 7.43 12.11 -26.77
CA THR A 470 6.06 11.93 -27.21
C THR A 470 5.32 13.26 -27.21
N ILE A 471 4.40 13.41 -28.15
CA ILE A 471 3.64 14.65 -28.30
C ILE A 471 2.24 14.56 -27.69
N ASP A 472 1.77 13.36 -27.36
CA ASP A 472 0.41 13.16 -26.87
C ASP A 472 0.40 13.23 -25.34
N PRO A 473 -0.30 14.20 -24.74
CA PRO A 473 -0.19 14.38 -23.28
C PRO A 473 -0.81 13.27 -22.48
N ILE A 474 -1.85 12.61 -22.99
CA ILE A 474 -2.42 11.50 -22.24
C ILE A 474 -1.47 10.31 -22.27
N GLU A 475 -0.89 10.03 -23.44
CA GLU A 475 0.13 8.99 -23.50
C GLU A 475 1.31 9.32 -22.59
N ARG A 476 1.75 10.57 -22.58
CA ARG A 476 2.87 10.93 -21.73
C ARG A 476 2.54 10.67 -20.26
N LYS A 477 1.30 10.93 -19.85
CA LYS A 477 0.97 10.79 -18.43
C LYS A 477 0.83 9.33 -18.06
N LEU A 478 0.27 8.53 -18.96
CA LEU A 478 0.19 7.09 -18.73
C LEU A 478 1.59 6.47 -18.66
N LEU A 479 2.44 6.81 -19.63
CA LEU A 479 3.84 6.42 -19.58
C LEU A 479 4.45 6.76 -18.22
N ASP A 480 4.24 8.00 -17.76
CA ASP A 480 4.74 8.40 -16.44
C ASP A 480 4.30 7.42 -15.37
N TYR A 481 3.00 7.08 -15.33
CA TYR A 481 2.52 6.13 -14.34
C TYR A 481 3.20 4.76 -14.51
N ARG A 482 3.41 4.32 -15.74
CA ARG A 482 4.01 3.00 -15.93
C ARG A 482 5.46 2.96 -15.46
N GLN A 483 6.27 3.98 -15.76
CA GLN A 483 7.66 3.89 -15.28
C GLN A 483 7.73 4.06 -13.78
N ARG A 484 6.76 4.74 -13.17
CA ARG A 484 6.70 4.81 -11.71
C ARG A 484 6.38 3.44 -11.10
N ARG A 485 5.38 2.74 -11.65
CA ARG A 485 5.06 1.43 -11.11
C ARG A 485 6.23 0.49 -11.28
N ILE A 486 7.00 0.67 -12.36
CA ILE A 486 8.12 -0.22 -12.56
C ILE A 486 9.19 0.03 -11.51
N LYS A 487 9.48 1.30 -11.21
CA LYS A 487 10.45 1.60 -10.15
C LYS A 487 10.06 0.90 -8.86
N ILE A 488 8.77 0.96 -8.50
CA ILE A 488 8.31 0.35 -7.26
C ILE A 488 8.38 -1.17 -7.33
N LEU A 489 7.97 -1.75 -8.45
CA LEU A 489 8.12 -3.19 -8.62
C LEU A 489 9.59 -3.60 -8.45
N ALA A 490 10.51 -2.96 -9.20
CA ALA A 490 11.93 -3.30 -9.14
C ALA A 490 12.48 -3.19 -7.72
N ASN A 491 12.07 -2.17 -6.97
CA ASN A 491 12.54 -2.06 -5.59
C ASN A 491 11.83 -2.98 -4.64
N SER A 492 10.99 -3.89 -5.12
CA SER A 492 10.31 -4.78 -4.18
C SER A 492 10.94 -6.16 -4.11
N TYR A 493 11.86 -6.50 -5.03
CA TYR A 493 12.39 -7.85 -5.04
C TYR A 493 13.17 -8.15 -3.78
N TYR A 494 13.99 -7.20 -3.31
CA TYR A 494 14.80 -7.46 -2.14
C TYR A 494 13.93 -7.94 -0.97
N GLY A 495 12.95 -7.12 -0.58
CA GLY A 495 12.11 -7.47 0.56
C GLY A 495 11.33 -8.74 0.33
N TYR A 496 10.92 -8.99 -0.91
CA TYR A 496 10.22 -10.23 -1.22
C TYR A 496 11.11 -11.44 -0.97
N TYR A 497 12.42 -11.33 -1.23
CA TYR A 497 13.33 -12.44 -0.98
C TYR A 497 13.26 -12.90 0.46
N GLY A 498 13.15 -11.95 1.39
CA GLY A 498 13.11 -12.29 2.79
C GLY A 498 11.72 -12.46 3.36
N TYR A 499 10.69 -12.46 2.53
CA TYR A 499 9.29 -12.58 2.98
C TYR A 499 8.93 -14.05 3.16
N ALA A 500 8.78 -14.50 4.41
CA ALA A 500 8.60 -15.92 4.70
C ALA A 500 7.40 -16.56 4.01
N ARG A 501 6.36 -15.79 3.70
CA ARG A 501 5.22 -16.38 2.98
C ARG A 501 5.45 -16.48 1.48
N ALA A 502 6.57 -15.96 0.95
CA ALA A 502 6.78 -15.95 -0.49
C ALA A 502 7.07 -17.33 -1.05
N ARG A 503 6.52 -17.58 -2.23
CA ARG A 503 6.88 -18.78 -2.99
C ARG A 503 8.38 -18.80 -3.31
N TRP A 504 8.93 -17.65 -3.72
CA TRP A 504 10.34 -17.56 -4.08
C TRP A 504 11.18 -16.96 -2.96
N TYR A 505 10.82 -17.24 -1.71
CA TYR A 505 11.62 -16.86 -0.55
C TYR A 505 13.05 -17.36 -0.68
N CYS A 506 14.00 -16.53 -0.25
CA CYS A 506 15.40 -16.94 -0.26
C CYS A 506 16.17 -16.09 0.76
N LYS A 507 16.25 -16.58 1.99
CA LYS A 507 17.05 -15.89 3.00
C LYS A 507 18.47 -15.64 2.51
N GLU A 508 19.02 -16.59 1.74
CA GLU A 508 20.40 -16.45 1.29
C GLU A 508 20.55 -15.33 0.28
N CYS A 509 19.62 -15.23 -0.67
CA CYS A 509 19.63 -14.09 -1.59
C CYS A 509 19.48 -12.78 -0.84
N ALA A 510 18.59 -12.74 0.15
CA ALA A 510 18.29 -11.48 0.79
C ALA A 510 19.47 -11.02 1.63
N GLU A 511 20.06 -11.93 2.42
CA GLU A 511 21.22 -11.53 3.22
C GLU A 511 22.48 -11.34 2.37
N SER A 512 22.57 -11.97 1.20
CA SER A 512 23.66 -11.64 0.28
C SER A 512 23.55 -10.21 -0.20
N VAL A 513 22.31 -9.77 -0.49
CA VAL A 513 22.10 -8.41 -0.99
C VAL A 513 22.50 -7.38 0.05
N THR A 514 22.09 -7.57 1.31
CA THR A 514 22.48 -6.61 2.35
C THR A 514 23.96 -6.67 2.65
N ALA A 515 24.55 -7.86 2.56
CA ALA A 515 25.98 -7.95 2.82
C ALA A 515 26.76 -7.20 1.75
N TRP A 516 26.42 -7.40 0.48
CA TRP A 516 27.09 -6.63 -0.56
C TRP A 516 26.86 -5.14 -0.32
N GLY A 517 25.68 -4.78 0.19
CA GLY A 517 25.37 -3.38 0.38
C GLY A 517 26.21 -2.75 1.48
N ARG A 518 26.38 -3.47 2.60
CA ARG A 518 27.26 -2.99 3.66
C ARG A 518 28.69 -2.85 3.18
N GLU A 519 29.18 -3.81 2.39
CA GLU A 519 30.52 -3.71 1.84
C GLU A 519 30.66 -2.46 1.00
N TYR A 520 29.79 -2.30 0.00
CA TYR A 520 29.94 -1.18 -0.92
C TYR A 520 29.86 0.16 -0.19
N ILE A 521 28.88 0.30 0.72
CA ILE A 521 28.70 1.60 1.35
C ILE A 521 29.87 1.90 2.29
N THR A 522 30.33 0.91 3.07
CA THR A 522 31.40 1.22 4.02
C THR A 522 32.76 1.35 3.35
N MET A 523 33.03 0.66 2.25
CA MET A 523 34.28 0.92 1.54
C MET A 523 34.28 2.36 1.03
N THR A 524 33.15 2.80 0.49
CA THR A 524 33.06 4.16 -0.02
C THR A 524 33.30 5.20 1.08
N ILE A 525 32.70 4.99 2.26
CA ILE A 525 32.95 5.90 3.37
C ILE A 525 34.45 5.94 3.69
N LYS A 526 35.10 4.77 3.72
CA LYS A 526 36.51 4.69 4.06
C LYS A 526 37.37 5.43 3.03
N GLU A 527 37.04 5.27 1.74
CA GLU A 527 37.81 5.91 0.68
C GLU A 527 37.64 7.43 0.70
N ILE A 528 36.43 7.92 0.96
CA ILE A 528 36.27 9.37 0.92
C ILE A 528 36.89 10.00 2.14
N GLU A 529 37.01 9.24 3.22
CA GLU A 529 37.66 9.83 4.39
C GLU A 529 39.17 9.81 4.26
N GLU A 530 39.73 8.69 3.80
CA GLU A 530 41.17 8.51 3.81
C GLU A 530 41.85 9.09 2.58
N LYS A 531 41.16 9.12 1.45
CA LYS A 531 41.76 9.58 0.21
C LYS A 531 41.30 10.97 -0.22
N TYR A 532 40.25 11.52 0.39
CA TYR A 532 39.78 12.84 -0.04
C TYR A 532 39.52 13.81 1.11
N GLY A 533 39.83 13.44 2.35
CA GLY A 533 39.75 14.42 3.43
C GLY A 533 38.36 14.73 3.94
N PHE A 534 37.35 14.00 3.51
CA PHE A 534 35.99 14.28 3.96
C PHE A 534 35.78 13.73 5.36
N LYS A 535 34.88 14.40 6.09
CA LYS A 535 34.30 13.88 7.31
C LYS A 535 32.91 13.38 6.96
N VAL A 536 32.65 12.11 7.21
CA VAL A 536 31.34 11.53 6.96
C VAL A 536 30.48 11.71 8.21
N ILE A 537 29.46 12.57 8.11
CA ILE A 537 28.61 12.94 9.24
C ILE A 537 27.66 11.81 9.63
N TYR A 538 27.11 11.09 8.65
CA TYR A 538 26.03 10.15 8.90
C TYR A 538 25.77 9.35 7.62
N SER A 539 25.23 8.14 7.78
CA SER A 539 25.06 7.22 6.66
C SER A 539 24.06 6.13 7.04
N ASP A 540 23.18 5.77 6.09
CA ASP A 540 22.16 4.76 6.33
C ASP A 540 21.98 3.96 5.04
N THR A 541 22.45 2.72 5.06
CA THR A 541 22.24 1.70 4.03
C THR A 541 22.92 1.99 2.70
N ASP A 542 22.44 2.99 1.96
CA ASP A 542 22.93 3.20 0.61
C ASP A 542 23.48 4.58 0.35
N GLY A 543 23.58 5.43 1.37
CA GLY A 543 24.05 6.78 1.09
C GLY A 543 24.69 7.36 2.32
N PHE A 544 25.32 8.51 2.14
CA PHE A 544 25.89 9.18 3.30
C PHE A 544 25.97 10.68 3.08
N PHE A 545 25.94 11.41 4.19
CA PHE A 545 26.18 12.85 4.21
C PHE A 545 27.61 13.11 4.64
N ALA A 546 28.28 14.03 3.95
CA ALA A 546 29.68 14.32 4.25
C ALA A 546 29.99 15.78 3.96
N THR A 547 31.07 16.25 4.59
CA THR A 547 31.61 17.59 4.33
C THR A 547 33.12 17.54 4.48
N ILE A 548 33.76 18.64 4.14
CA ILE A 548 35.17 18.90 4.46
C ILE A 548 35.18 19.94 5.56
N PRO A 549 35.58 19.60 6.78
CA PRO A 549 35.55 20.57 7.88
C PRO A 549 36.37 21.79 7.52
N GLY A 550 35.75 22.97 7.58
CA GLY A 550 36.47 24.21 7.36
C GLY A 550 36.70 24.55 5.90
N ALA A 551 36.03 23.87 4.99
CA ALA A 551 36.08 24.16 3.56
C ALA A 551 34.80 24.89 3.16
N ASP A 552 34.94 25.82 2.23
CA ASP A 552 33.77 26.55 1.74
C ASP A 552 32.93 25.65 0.85
N ALA A 553 31.70 26.09 0.60
CA ALA A 553 30.75 25.34 -0.22
C ALA A 553 31.39 24.82 -1.51
N GLU A 554 31.98 25.73 -2.31
CA GLU A 554 32.48 25.34 -3.63
C GLU A 554 33.65 24.37 -3.58
N THR A 555 34.43 24.36 -2.49
CA THR A 555 35.41 23.30 -2.32
C THR A 555 34.74 21.95 -2.10
N VAL A 556 33.75 21.89 -1.18
CA VAL A 556 33.10 20.62 -0.87
C VAL A 556 32.43 20.03 -2.13
N LYS A 557 31.72 20.87 -2.89
CA LYS A 557 31.05 20.38 -4.09
C LYS A 557 32.05 19.84 -5.09
N LYS A 558 33.13 20.59 -5.35
CA LYS A 558 34.05 20.15 -6.38
C LYS A 558 34.78 18.89 -5.94
N LYS A 559 35.29 18.87 -4.70
CA LYS A 559 36.01 17.69 -4.24
C LYS A 559 35.10 16.48 -4.21
N ALA A 560 33.80 16.68 -4.01
CA ALA A 560 32.84 15.58 -4.11
C ALA A 560 32.72 15.08 -5.54
N MET A 561 32.67 15.99 -6.53
CA MET A 561 32.62 15.57 -7.93
C MET A 561 33.84 14.73 -8.28
N GLU A 562 35.03 15.18 -7.85
CA GLU A 562 36.27 14.43 -8.15
C GLU A 562 36.23 13.05 -7.53
N PHE A 563 35.83 12.95 -6.27
CA PHE A 563 35.69 11.65 -5.63
C PHE A 563 34.77 10.73 -6.43
N LEU A 564 33.62 11.25 -6.89
CA LEU A 564 32.72 10.43 -7.69
C LEU A 564 33.42 9.85 -8.92
N LYS A 565 34.16 10.68 -9.65
CA LYS A 565 34.92 10.17 -10.77
C LYS A 565 35.88 9.08 -10.31
N TYR A 566 36.46 9.25 -9.13
CA TYR A 566 37.41 8.28 -8.61
C TYR A 566 36.74 6.98 -8.22
N ILE A 567 35.67 7.06 -7.44
CA ILE A 567 35.10 5.86 -6.86
C ILE A 567 34.35 5.05 -7.92
N ASN A 568 33.73 5.71 -8.90
CA ASN A 568 32.91 4.99 -9.86
C ASN A 568 33.74 4.17 -10.83
N ALA A 569 35.00 4.55 -11.07
CA ALA A 569 35.86 3.69 -11.85
C ALA A 569 36.25 2.42 -11.10
N LYS A 570 35.99 2.34 -9.79
CA LYS A 570 36.25 1.14 -8.99
C LYS A 570 35.00 0.31 -8.72
N LEU A 571 33.80 0.81 -9.04
CA LEU A 571 32.62 0.06 -8.66
C LEU A 571 32.19 -0.89 -9.79
N PRO A 572 31.96 -2.16 -9.47
CA PRO A 572 31.71 -3.16 -10.52
C PRO A 572 30.33 -3.05 -11.12
N GLY A 573 30.26 -3.25 -12.42
CA GLY A 573 28.97 -3.43 -13.06
C GLY A 573 28.11 -2.20 -12.95
N ALA A 574 26.86 -2.42 -12.55
CA ALA A 574 25.81 -1.42 -12.48
C ALA A 574 25.82 -0.59 -11.21
N LEU A 575 26.78 -0.80 -10.31
CA LEU A 575 26.89 0.04 -9.12
C LEU A 575 27.44 1.41 -9.51
N GLU A 576 26.74 2.45 -9.08
CA GLU A 576 27.10 3.82 -9.45
C GLU A 576 26.73 4.72 -8.28
N LEU A 577 27.72 5.49 -7.80
CA LEU A 577 27.53 6.47 -6.75
C LEU A 577 27.20 7.81 -7.41
N GLU A 578 26.15 8.46 -6.94
CA GLU A 578 25.65 9.65 -7.61
C GLU A 578 25.64 10.82 -6.64
N TYR A 579 25.78 12.02 -7.22
CA TYR A 579 25.73 13.26 -6.45
C TYR A 579 24.26 13.63 -6.30
N GLU A 580 23.69 13.38 -5.13
CA GLU A 580 22.27 13.60 -4.99
C GLU A 580 21.93 15.05 -4.65
N GLY A 581 22.75 15.75 -3.88
CA GLY A 581 22.48 17.15 -3.64
C GLY A 581 23.42 17.77 -2.62
N PHE A 582 23.35 19.10 -2.54
CA PHE A 582 24.13 19.88 -1.60
C PHE A 582 23.18 20.59 -0.65
N TYR A 583 23.46 20.48 0.65
CA TYR A 583 22.66 21.14 1.68
C TYR A 583 23.54 22.11 2.44
N LYS A 584 23.07 23.36 2.56
CA LYS A 584 23.88 24.39 3.21
C LYS A 584 24.05 24.12 4.69
N ARG A 585 23.03 23.55 5.33
CA ARG A 585 23.10 23.19 6.73
C ARG A 585 22.32 21.90 6.94
N GLY A 586 22.67 21.19 8.00
CA GLY A 586 21.94 20.01 8.38
C GLY A 586 22.05 19.77 9.88
N PHE A 587 20.96 19.29 10.49
CA PHE A 587 20.96 18.94 11.91
C PHE A 587 20.62 17.47 12.06
N PHE A 588 21.55 16.71 12.65
CA PHE A 588 21.44 15.25 12.75
C PHE A 588 21.19 14.90 14.21
N VAL A 589 19.99 14.37 14.48
CA VAL A 589 19.49 14.26 15.84
C VAL A 589 19.91 12.92 16.42
N THR A 590 19.40 11.83 15.85
CA THR A 590 19.83 10.48 16.17
C THR A 590 19.96 9.74 14.85
N LYS A 591 20.27 8.44 14.92
CA LYS A 591 20.11 7.61 13.72
C LYS A 591 18.67 7.72 13.22
N LYS A 592 18.51 7.94 11.92
CA LYS A 592 17.24 8.00 11.22
C LYS A 592 16.41 9.24 11.53
N LYS A 593 17.00 10.28 12.12
CA LYS A 593 16.27 11.49 12.45
C LYS A 593 17.19 12.68 12.17
N TYR A 594 16.84 13.48 11.18
CA TYR A 594 17.66 14.62 10.80
C TYR A 594 16.83 15.54 9.92
N ALA A 595 17.35 16.73 9.71
CA ALA A 595 16.76 17.68 8.77
C ALA A 595 17.87 18.39 8.03
N VAL A 596 17.70 18.57 6.71
CA VAL A 596 18.66 19.34 5.92
C VAL A 596 17.91 20.43 5.16
N ILE A 597 18.63 21.51 4.87
CA ILE A 597 18.10 22.62 4.08
C ILE A 597 18.99 22.84 2.86
N ASP A 598 18.38 22.88 1.68
CA ASP A 598 19.17 23.07 0.47
C ASP A 598 19.37 24.57 0.21
N GLU A 599 20.18 24.87 -0.81
CA GLU A 599 20.56 26.26 -1.06
C GLU A 599 19.37 27.12 -1.45
N GLU A 600 18.27 26.50 -1.89
CA GLU A 600 17.05 27.23 -2.23
C GLU A 600 16.22 27.61 -1.01
N GLY A 601 16.48 27.00 0.14
CA GLY A 601 15.72 27.25 1.34
C GLY A 601 14.73 26.14 1.72
N LYS A 602 14.62 25.08 0.93
CA LYS A 602 13.66 24.02 1.19
C LYS A 602 14.21 23.03 2.22
N ILE A 603 13.41 22.74 3.24
CA ILE A 603 13.81 21.87 4.35
C ILE A 603 13.22 20.49 4.16
N THR A 604 14.05 19.48 4.39
CA THR A 604 13.70 18.08 4.26
C THR A 604 13.90 17.42 5.62
N THR A 605 12.85 16.82 6.16
CA THR A 605 12.90 16.21 7.48
C THR A 605 12.65 14.71 7.40
N ARG A 606 13.46 13.95 8.15
CA ARG A 606 13.39 12.49 8.20
C ARG A 606 13.21 12.02 9.62
N GLY A 607 12.22 11.17 9.85
CA GLY A 607 12.08 10.49 11.11
C GLY A 607 11.69 11.36 12.29
N LEU A 608 11.93 12.66 12.19
CA LEU A 608 11.65 13.52 13.31
C LEU A 608 10.16 13.54 13.57
N GLU A 609 9.79 13.99 14.77
CA GLU A 609 8.39 14.01 15.17
C GLU A 609 7.53 14.73 14.14
N ILE A 610 8.12 15.67 13.39
CA ILE A 610 7.36 16.39 12.36
C ILE A 610 6.66 15.45 11.40
N VAL A 611 7.27 14.30 11.10
CA VAL A 611 6.72 13.42 10.07
C VAL A 611 5.74 12.39 10.63
N ARG A 612 5.60 12.28 11.96
CA ARG A 612 4.87 11.17 12.54
C ARG A 612 3.41 11.54 12.81
N ARG A 613 2.53 10.54 12.68
CA ARG A 613 1.12 10.75 12.96
C ARG A 613 0.81 10.77 14.46
N ASP A 614 1.61 10.11 15.28
CA ASP A 614 1.30 9.93 16.69
C ASP A 614 1.83 11.05 17.57
N TRP A 615 2.24 12.17 16.98
CA TRP A 615 2.60 13.36 17.72
C TRP A 615 1.57 14.44 17.41
N SER A 616 1.26 15.25 18.42
CA SER A 616 0.31 16.31 18.24
C SER A 616 0.85 17.39 17.30
N GLU A 617 -0.07 18.10 16.66
CA GLU A 617 0.32 19.18 15.75
C GLU A 617 1.12 20.26 16.49
N ILE A 618 0.73 20.58 17.72
CA ILE A 618 1.41 21.66 18.42
C ILE A 618 2.87 21.30 18.66
N ALA A 619 3.15 20.02 18.92
CA ALA A 619 4.53 19.58 19.02
C ALA A 619 5.22 19.66 17.66
N LYS A 620 4.59 19.07 16.63
CA LYS A 620 5.17 19.08 15.30
C LYS A 620 5.35 20.51 14.78
N GLU A 621 4.29 21.32 14.85
CA GLU A 621 4.39 22.69 14.36
C GLU A 621 5.48 23.46 15.09
N THR A 622 5.62 23.23 16.39
CA THR A 622 6.67 23.94 17.14
C THR A 622 8.07 23.45 16.73
N GLN A 623 8.25 22.14 16.61
CA GLN A 623 9.54 21.61 16.19
C GLN A 623 9.91 22.12 14.81
N ALA A 624 8.95 22.15 13.90
CA ALA A 624 9.19 22.69 12.57
C ALA A 624 9.64 24.15 12.63
N ARG A 625 8.98 24.96 13.47
CA ARG A 625 9.36 26.36 13.60
C ARG A 625 10.76 26.51 14.20
N VAL A 626 11.16 25.60 15.10
CA VAL A 626 12.52 25.62 15.61
C VAL A 626 13.51 25.33 14.48
N LEU A 627 13.22 24.32 13.67
CA LEU A 627 14.15 23.92 12.62
C LEU A 627 14.33 25.01 11.57
N GLU A 628 13.30 25.83 11.31
CA GLU A 628 13.52 26.95 10.40
C GLU A 628 14.47 27.98 11.02
N ALA A 629 14.27 28.32 12.28
CA ALA A 629 15.15 29.29 12.92
C ALA A 629 16.61 28.87 12.81
N LEU A 630 16.89 27.57 12.97
CA LEU A 630 18.27 27.08 12.95
C LEU A 630 18.80 26.93 11.54
N LEU A 631 18.12 26.12 10.73
CA LEU A 631 18.61 25.86 9.38
C LEU A 631 18.63 27.13 8.55
N LYS A 632 17.57 27.93 8.59
CA LYS A 632 17.43 29.02 7.63
C LYS A 632 18.15 30.30 8.07
N ASP A 633 18.09 30.65 9.35
CA ASP A 633 18.73 31.86 9.86
C ASP A 633 19.88 31.60 10.82
N GLY A 634 20.13 30.35 11.21
CA GLY A 634 21.11 30.06 12.24
C GLY A 634 20.84 30.81 13.53
N ASP A 635 19.55 31.00 13.85
CA ASP A 635 19.12 31.89 14.92
C ASP A 635 18.59 31.06 16.09
N VAL A 636 19.47 30.76 17.04
CA VAL A 636 19.09 29.93 18.18
C VAL A 636 18.20 30.71 19.14
N GLU A 637 18.47 32.01 19.32
CA GLU A 637 17.63 32.79 20.25
C GLU A 637 16.19 32.85 19.78
N LYS A 638 15.98 32.96 18.46
CA LYS A 638 14.64 32.88 17.93
C LYS A 638 14.02 31.52 18.20
N ALA A 639 14.81 30.45 18.04
CA ALA A 639 14.28 29.12 18.32
C ALA A 639 13.86 28.99 19.78
N VAL A 640 14.64 29.56 20.70
CA VAL A 640 14.26 29.50 22.11
C VAL A 640 13.03 30.36 22.37
N ARG A 641 12.98 31.56 21.78
CA ARG A 641 11.81 32.41 21.93
C ARG A 641 10.55 31.72 21.43
N ILE A 642 10.64 31.00 20.31
CA ILE A 642 9.48 30.32 19.74
C ILE A 642 8.91 29.31 20.74
N VAL A 643 9.79 28.53 21.38
CA VAL A 643 9.35 27.52 22.35
C VAL A 643 8.84 28.18 23.63
N LYS A 644 9.44 29.30 24.02
CA LYS A 644 8.92 30.01 25.19
C LYS A 644 7.51 30.51 24.93
N GLU A 645 7.25 31.01 23.72
CA GLU A 645 5.92 31.49 23.38
C GLU A 645 4.90 30.36 23.37
N VAL A 646 5.29 29.20 22.84
CA VAL A 646 4.35 28.10 22.70
C VAL A 646 3.98 27.49 24.05
N THR A 647 4.97 27.31 24.94
CA THR A 647 4.65 26.79 26.27
C THR A 647 3.77 27.76 27.04
N GLU A 648 3.91 29.06 26.79
CA GLU A 648 3.05 30.01 27.47
C GLU A 648 1.65 30.02 26.87
N LYS A 649 1.57 29.93 25.54
CA LYS A 649 0.27 29.80 24.87
C LYS A 649 -0.51 28.60 25.39
N LEU A 650 0.15 27.46 25.61
CA LEU A 650 -0.52 26.31 26.20
C LEU A 650 -0.86 26.56 27.67
N SER A 651 0.03 27.20 28.42
CA SER A 651 -0.17 27.33 29.85
C SER A 651 -1.37 28.20 30.17
N LYS A 652 -1.65 29.19 29.32
CA LYS A 652 -2.81 30.05 29.47
C LYS A 652 -4.01 29.57 28.63
N TYR A 653 -3.96 28.32 28.13
CA TYR A 653 -5.09 27.69 27.43
C TYR A 653 -5.56 28.53 26.23
N GLU A 654 -4.62 28.88 25.34
CA GLU A 654 -4.99 29.55 24.10
C GLU A 654 -4.49 28.82 22.86
N VAL A 655 -4.10 27.57 22.97
CA VAL A 655 -3.83 26.77 21.77
C VAL A 655 -5.14 26.11 21.39
N PRO A 656 -5.52 26.12 20.11
CA PRO A 656 -6.76 25.44 19.71
C PRO A 656 -6.65 23.94 19.93
N PRO A 657 -7.70 23.31 20.45
CA PRO A 657 -7.64 21.86 20.71
C PRO A 657 -7.38 21.03 19.48
N GLU A 658 -7.69 21.55 18.30
CA GLU A 658 -7.43 20.80 17.08
C GLU A 658 -5.95 20.53 16.87
N LYS A 659 -5.08 21.34 17.45
CA LYS A 659 -3.65 21.07 17.39
C LYS A 659 -3.17 20.13 18.50
N LEU A 660 -4.07 19.63 19.35
CA LEU A 660 -3.71 18.79 20.48
C LEU A 660 -3.98 17.31 20.24
N VAL A 661 -4.57 16.96 19.10
CA VAL A 661 -5.03 15.60 18.88
C VAL A 661 -3.84 14.67 18.62
N ILE A 662 -3.93 13.46 19.16
CA ILE A 662 -2.95 12.42 18.92
C ILE A 662 -3.61 11.28 18.13
N HIS A 663 -2.99 10.90 17.04
CA HIS A 663 -3.49 9.88 16.12
C HIS A 663 -2.64 8.62 16.25
N ILE A 664 -3.24 7.51 16.67
CA ILE A 664 -2.53 6.22 16.72
C ILE A 664 -3.45 5.13 16.19
N GLN A 665 -2.90 4.28 15.35
CA GLN A 665 -3.67 3.23 14.72
C GLN A 665 -3.79 2.02 15.65
N ILE A 666 -4.99 1.43 15.68
CA ILE A 666 -5.19 0.13 16.32
C ILE A 666 -4.63 -0.94 15.37
N THR A 667 -3.86 -1.88 15.91
CA THR A 667 -3.10 -2.81 15.08
C THR A 667 -3.58 -4.25 15.17
N ARG A 668 -4.66 -4.52 15.88
CA ARG A 668 -5.07 -5.90 16.11
C ARG A 668 -6.44 -5.92 16.78
N ASP A 669 -6.99 -7.11 16.94
CA ASP A 669 -8.17 -7.27 17.78
C ASP A 669 -7.82 -6.80 19.19
N LEU A 670 -8.82 -6.20 19.87
CA LEU A 670 -8.51 -5.47 21.09
C LEU A 670 -8.29 -6.40 22.27
N LYS A 671 -8.82 -7.60 22.22
CA LYS A 671 -8.59 -8.57 23.29
C LYS A 671 -7.20 -9.18 23.23
N ASP A 672 -6.49 -9.03 22.10
CA ASP A 672 -5.14 -9.54 21.93
C ASP A 672 -4.08 -8.52 22.32
N TYR A 673 -4.47 -7.41 22.95
CA TYR A 673 -3.50 -6.46 23.48
C TYR A 673 -3.05 -6.94 24.85
N LYS A 674 -1.74 -7.07 25.04
CA LYS A 674 -1.22 -7.42 26.36
C LYS A 674 -1.14 -6.21 27.27
N ALA A 675 -0.97 -5.01 26.72
CA ALA A 675 -0.86 -3.81 27.52
C ALA A 675 -1.68 -2.71 26.86
N THR A 676 -2.38 -1.94 27.70
CA THR A 676 -3.36 -0.96 27.23
C THR A 676 -2.74 0.44 27.25
N GLY A 677 -2.28 0.90 26.09
CA GLY A 677 -1.88 2.28 25.94
C GLY A 677 -3.08 3.20 25.88
N PRO A 678 -2.85 4.51 25.91
CA PRO A 678 -3.97 5.45 25.82
C PRO A 678 -4.90 5.22 24.64
N HIS A 679 -4.38 4.93 23.44
CA HIS A 679 -5.26 4.78 22.29
C HIS A 679 -6.07 3.48 22.37
N VAL A 680 -5.48 2.41 22.92
CA VAL A 680 -6.23 1.18 23.12
C VAL A 680 -7.32 1.39 24.16
N ALA A 681 -7.03 2.20 25.19
CA ALA A 681 -8.02 2.44 26.23
C ALA A 681 -9.22 3.23 25.69
N VAL A 682 -8.96 4.19 24.79
CA VAL A 682 -10.07 4.92 24.17
C VAL A 682 -10.85 4.00 23.24
N ALA A 683 -10.14 3.19 22.44
CA ALA A 683 -10.83 2.26 21.55
C ALA A 683 -11.66 1.22 22.31
N LYS A 684 -11.37 0.98 23.58
CA LYS A 684 -12.17 0.03 24.35
C LYS A 684 -13.44 0.69 24.87
N ARG A 685 -13.36 1.95 25.31
CA ARG A 685 -14.58 2.70 25.62
C ARG A 685 -15.53 2.68 24.42
N LEU A 686 -15.02 3.07 23.25
CA LEU A 686 -15.84 3.22 22.05
C LEU A 686 -16.47 1.90 21.63
N ALA A 687 -15.66 0.83 21.56
CA ALA A 687 -16.17 -0.45 21.13
C ALA A 687 -17.27 -0.95 22.07
N ALA A 688 -17.21 -0.58 23.36
CA ALA A 688 -18.23 -0.92 24.33
C ALA A 688 -19.53 -0.16 24.12
N ARG A 689 -19.68 0.64 23.05
CA ARG A 689 -20.96 1.24 22.69
C ARG A 689 -21.30 1.03 21.22
N GLY A 690 -20.78 -0.04 20.63
CA GLY A 690 -21.25 -0.48 19.33
C GLY A 690 -20.53 0.09 18.13
N VAL A 691 -19.45 0.83 18.32
CA VAL A 691 -18.64 1.29 17.20
C VAL A 691 -17.61 0.21 16.90
N LYS A 692 -17.34 -0.03 15.62
CA LYS A 692 -16.48 -1.14 15.24
C LYS A 692 -15.03 -0.68 15.26
N ILE A 693 -14.22 -1.38 16.04
CA ILE A 693 -12.79 -1.11 16.06
C ILE A 693 -12.06 -2.31 15.48
N ARG A 694 -12.05 -2.42 14.16
CA ARG A 694 -11.19 -3.37 13.48
C ARG A 694 -9.76 -2.83 13.46
N PRO A 695 -8.76 -3.68 13.20
CA PRO A 695 -7.41 -3.18 12.90
C PRO A 695 -7.41 -2.19 11.74
N GLY A 696 -6.46 -1.25 11.79
CA GLY A 696 -6.38 -0.18 10.83
C GLY A 696 -7.10 1.09 11.26
N THR A 697 -8.00 0.98 12.24
CA THR A 697 -8.69 2.14 12.78
C THR A 697 -7.70 3.11 13.43
N VAL A 698 -7.84 4.39 13.11
CA VAL A 698 -7.01 5.45 13.68
C VAL A 698 -7.79 6.13 14.79
N ILE A 699 -7.38 5.93 16.03
CA ILE A 699 -7.96 6.63 17.17
C ILE A 699 -7.41 8.06 17.18
N SER A 700 -8.30 9.03 17.32
CA SER A 700 -7.90 10.43 17.37
C SER A 700 -8.33 10.98 18.72
N TYR A 701 -7.41 10.98 19.69
CA TYR A 701 -7.76 11.38 21.04
C TYR A 701 -7.01 12.65 21.47
N ILE A 702 -7.49 13.19 22.59
CA ILE A 702 -6.93 14.37 23.24
C ILE A 702 -6.86 14.10 24.73
N VAL A 703 -5.85 14.65 25.40
CA VAL A 703 -5.55 14.35 26.79
C VAL A 703 -6.06 15.48 27.70
N LEU A 704 -6.85 15.12 28.71
CA LEU A 704 -7.62 16.08 29.51
C LEU A 704 -6.98 16.32 30.87
N LYS A 705 -7.31 17.48 31.45
CA LYS A 705 -6.86 17.85 32.78
C LYS A 705 -7.40 16.87 33.83
N GLY A 706 -6.77 16.89 34.99
CA GLY A 706 -6.79 15.76 35.90
C GLY A 706 -5.46 15.06 35.81
N SER A 707 -5.36 13.91 36.47
CA SER A 707 -4.13 13.13 36.31
C SER A 707 -4.39 11.69 36.70
N GLY A 708 -3.29 10.92 36.79
CA GLY A 708 -3.34 9.48 36.71
C GLY A 708 -2.69 9.03 35.41
N ARG A 709 -3.19 7.94 34.85
CA ARG A 709 -2.67 7.46 33.58
C ARG A 709 -3.23 8.28 32.43
N ILE A 710 -2.43 8.45 31.38
CA ILE A 710 -2.89 9.16 30.20
C ILE A 710 -4.18 8.52 29.67
N GLY A 711 -4.27 7.19 29.76
CA GLY A 711 -5.48 6.53 29.29
C GLY A 711 -6.73 6.90 30.07
N ASP A 712 -6.59 7.20 31.35
CA ASP A 712 -7.77 7.58 32.11
C ASP A 712 -8.31 8.95 31.70
N ARG A 713 -7.51 9.77 31.04
CA ARG A 713 -7.91 11.12 30.71
C ARG A 713 -8.07 11.34 29.21
N ALA A 714 -7.90 10.29 28.41
CA ALA A 714 -7.97 10.42 26.96
C ALA A 714 -9.41 10.22 26.49
N ILE A 715 -9.84 11.08 25.58
CA ILE A 715 -11.16 10.95 24.97
C ILE A 715 -11.03 11.20 23.47
N PRO A 716 -11.95 10.68 22.67
CA PRO A 716 -11.91 10.98 21.23
C PRO A 716 -12.14 12.46 20.99
N PHE A 717 -11.39 13.04 20.03
CA PHE A 717 -11.53 14.46 19.77
C PHE A 717 -12.98 14.83 19.40
N ASP A 718 -13.72 13.90 18.79
CA ASP A 718 -15.14 14.15 18.49
C ASP A 718 -15.95 14.36 19.75
N GLU A 719 -15.56 13.72 20.86
CA GLU A 719 -16.25 13.87 22.13
C GLU A 719 -15.79 15.08 22.93
N PHE A 720 -14.82 15.86 22.43
CA PHE A 720 -14.27 16.97 23.21
C PHE A 720 -15.20 18.17 23.17
N ASP A 721 -15.63 18.63 24.36
CA ASP A 721 -16.56 19.74 24.53
C ASP A 721 -15.89 20.82 25.35
N PRO A 722 -15.47 21.97 24.76
CA PRO A 722 -14.64 22.94 25.51
C PRO A 722 -15.36 23.65 26.64
N THR A 723 -16.47 23.08 27.13
CA THR A 723 -17.20 23.65 28.26
C THR A 723 -17.46 22.65 29.37
N LYS A 724 -17.15 21.36 29.17
CA LYS A 724 -17.15 20.35 30.22
C LYS A 724 -15.79 19.65 30.31
N HIS A 725 -14.80 20.13 29.57
CA HIS A 725 -13.52 19.45 29.40
C HIS A 725 -12.42 20.50 29.34
N LYS A 726 -11.30 20.22 30.00
CA LYS A 726 -10.12 21.08 29.90
C LYS A 726 -8.94 20.20 29.54
N TYR A 727 -8.23 20.56 28.47
CA TYR A 727 -7.12 19.71 28.11
C TYR A 727 -5.96 19.91 29.07
N ASP A 728 -5.07 18.92 29.10
CA ASP A 728 -3.96 18.90 30.06
C ASP A 728 -2.77 19.67 29.49
N ALA A 729 -2.79 20.99 29.69
CA ALA A 729 -1.70 21.84 29.24
C ALA A 729 -0.34 21.36 29.75
N GLU A 730 -0.28 20.81 30.98
CA GLU A 730 0.99 20.31 31.48
C GLU A 730 1.45 19.08 30.71
N TYR A 731 0.51 18.21 30.33
CA TYR A 731 0.89 17.07 29.53
C TYR A 731 1.43 17.50 28.18
N TYR A 732 0.77 18.46 27.55
CA TYR A 732 1.18 18.86 26.20
C TYR A 732 2.50 19.63 26.23
N ILE A 733 2.81 20.31 27.32
CA ILE A 733 4.13 20.92 27.48
C ILE A 733 5.17 19.85 27.82
N GLU A 734 4.98 19.14 28.93
CA GLU A 734 6.04 18.29 29.44
C GLU A 734 6.26 17.05 28.60
N ASN A 735 5.21 16.55 27.93
CA ASN A 735 5.30 15.31 27.20
C ASN A 735 5.25 15.46 25.69
N GLN A 736 4.84 16.61 25.16
CA GLN A 736 4.72 16.79 23.72
C GLN A 736 5.70 17.85 23.19
N VAL A 737 5.53 19.11 23.57
CA VAL A 737 6.33 20.17 22.97
C VAL A 737 7.80 20.03 23.35
N LEU A 738 8.09 20.09 24.65
CA LEU A 738 9.49 20.07 25.08
C LEU A 738 10.24 18.80 24.69
N PRO A 739 9.67 17.59 24.79
CA PRO A 739 10.41 16.41 24.30
C PRO A 739 10.78 16.46 22.83
N ALA A 740 10.06 17.21 22.00
CA ALA A 740 10.45 17.26 20.59
C ALA A 740 11.48 18.34 20.30
N VAL A 741 11.47 19.44 21.06
CA VAL A 741 12.47 20.47 20.86
C VAL A 741 13.74 20.24 21.69
N GLU A 742 13.66 19.51 22.80
CA GLU A 742 14.81 19.41 23.70
C GLU A 742 15.98 18.70 23.03
N ARG A 743 15.73 17.58 22.34
N ARG A 743 15.73 17.59 22.33
CA ARG A 743 16.82 16.83 21.72
CA ARG A 743 16.81 16.84 21.72
C ARG A 743 17.53 17.63 20.64
C ARG A 743 17.52 17.63 20.63
N ILE A 744 16.95 18.75 20.19
CA ILE A 744 17.60 19.60 19.19
C ILE A 744 18.38 20.70 19.91
N LEU A 745 17.67 21.49 20.71
CA LEU A 745 18.28 22.59 21.45
C LEU A 745 19.22 22.13 22.57
N ARG A 746 19.29 20.84 22.85
CA ARG A 746 20.35 20.37 23.73
C ARG A 746 21.74 20.60 23.13
N ALA A 747 21.83 20.80 21.81
CA ALA A 747 23.09 20.96 21.11
C ALA A 747 23.69 22.35 21.29
N PHE A 748 22.96 23.27 21.92
CA PHE A 748 23.41 24.63 22.09
C PHE A 748 23.52 25.02 23.54
N GLY A 749 23.14 24.14 24.46
CA GLY A 749 23.31 24.34 25.89
C GLY A 749 22.02 24.40 26.67
N TYR A 750 20.87 24.35 26.02
CA TYR A 750 19.59 24.53 26.69
C TYR A 750 19.09 23.22 27.29
N ARG A 751 18.45 23.32 28.45
CA ARG A 751 17.69 22.23 29.04
C ARG A 751 16.21 22.62 29.05
N LYS A 752 15.34 21.62 29.25
CA LYS A 752 13.89 21.79 29.17
C LYS A 752 13.39 23.00 29.96
N GLU A 753 14.07 23.32 31.06
CA GLU A 753 13.63 24.41 31.93
C GLU A 753 14.06 25.79 31.45
N ASP A 754 15.10 25.87 30.62
CA ASP A 754 15.35 27.15 29.97
C ASP A 754 14.34 27.45 28.87
N LEU A 755 13.47 26.49 28.55
CA LEU A 755 12.53 26.61 27.45
C LEU A 755 11.09 26.88 27.88
N ARG A 756 10.79 26.77 29.18
CA ARG A 756 9.45 27.01 29.70
C ARG A 756 9.25 28.51 29.95
#